data_2MXA
#
_entry.id   2MXA
#
_cell.length_a   1.000
_cell.length_b   1.000
_cell.length_c   1.000
_cell.angle_alpha   90.00
_cell.angle_beta   90.00
_cell.angle_gamma   90.00
#
_symmetry.space_group_name_H-M   'P 1'
#
_entity_poly.entity_id   1
_entity_poly.type   'polypeptide(L)'
_entity_poly.pdbx_seq_one_letter_code
;MATIVDIAVNTPGFSTLVTAVKVANLVEALQSPGPFTVFAPNDDAFAKLPDGTITSLVQNPPQLGRILKYHVVAGAYKAT
DLKRMGIVTSLEGSTIPIHGDNPLEVKNATVLAADIEAENGIIHVIDTVILMGLDPAHSFQETNIPYKVSAWSHPQFEK
;
_entity_poly.pdbx_strand_id   A
#
# COMPACT_ATOMS: atom_id res chain seq x y z
N MET A 1 -8.87 -21.35 4.19
CA MET A 1 -10.35 -21.35 4.19
C MET A 1 -10.88 -19.94 3.94
N ALA A 2 -10.51 -19.01 4.79
CA ALA A 2 -10.98 -17.63 4.68
C ALA A 2 -9.88 -16.73 4.15
N THR A 3 -10.30 -15.66 3.48
CA THR A 3 -9.35 -14.66 2.99
C THR A 3 -8.73 -13.92 4.16
N ILE A 4 -7.45 -13.56 4.05
CA ILE A 4 -6.69 -12.92 5.13
C ILE A 4 -7.50 -11.84 5.83
N VAL A 5 -8.03 -10.93 5.04
CA VAL A 5 -8.77 -9.79 5.54
C VAL A 5 -10.14 -10.19 6.11
N ASP A 6 -10.76 -11.17 5.47
CA ASP A 6 -12.09 -11.63 5.88
C ASP A 6 -12.08 -12.06 7.33
N ILE A 7 -11.04 -12.80 7.66
CA ILE A 7 -10.81 -13.27 9.01
C ILE A 7 -10.82 -12.14 10.03
N ALA A 8 -10.52 -10.92 9.60
CA ALA A 8 -10.53 -9.78 10.50
C ALA A 8 -11.90 -9.55 11.11
N VAL A 9 -12.95 -9.75 10.32
CA VAL A 9 -14.32 -9.67 10.83
C VAL A 9 -14.69 -10.97 11.56
N ASN A 10 -13.94 -12.02 11.30
CA ASN A 10 -14.21 -13.35 11.84
C ASN A 10 -13.49 -13.55 13.19
N THR A 11 -12.41 -12.82 13.38
CA THR A 11 -11.57 -12.98 14.55
C THR A 11 -12.32 -12.78 15.87
N PRO A 12 -12.12 -13.68 16.83
CA PRO A 12 -12.70 -13.56 18.15
C PRO A 12 -11.95 -12.56 19.02
N GLY A 13 -12.00 -11.30 18.63
CA GLY A 13 -11.36 -10.26 19.39
C GLY A 13 -9.85 -10.30 19.27
N PHE A 14 -9.36 -10.41 18.04
CA PHE A 14 -7.93 -10.41 17.78
C PHE A 14 -7.30 -9.05 18.11
N SER A 15 -6.04 -8.92 17.77
CA SER A 15 -5.32 -7.66 17.96
C SER A 15 -6.00 -6.53 17.19
N THR A 16 -5.66 -5.30 17.55
CA THR A 16 -6.24 -4.12 16.92
C THR A 16 -5.89 -4.08 15.43
N LEU A 17 -4.86 -4.82 15.05
CA LEU A 17 -4.46 -4.95 13.65
C LEU A 17 -5.64 -5.34 12.77
N VAL A 18 -6.54 -6.18 13.28
CA VAL A 18 -7.67 -6.65 12.48
C VAL A 18 -8.75 -5.60 12.46
N THR A 19 -8.79 -4.80 13.51
CA THR A 19 -9.79 -3.77 13.63
C THR A 19 -9.37 -2.53 12.87
N ALA A 20 -8.06 -2.33 12.75
CA ALA A 20 -7.52 -1.18 12.04
C ALA A 20 -7.94 -1.18 10.57
N VAL A 21 -8.03 -2.34 9.95
CA VAL A 21 -8.60 -2.44 8.61
C VAL A 21 -10.13 -2.34 8.66
N LYS A 22 -10.71 -2.93 9.70
CA LYS A 22 -12.17 -2.91 9.88
C LYS A 22 -12.68 -1.49 10.06
N VAL A 23 -11.94 -0.70 10.81
CA VAL A 23 -12.30 0.68 11.09
C VAL A 23 -11.99 1.56 9.87
N ALA A 24 -10.92 1.20 9.19
CA ALA A 24 -10.49 1.94 8.01
C ALA A 24 -11.36 1.60 6.81
N ASN A 25 -12.30 0.68 7.02
CA ASN A 25 -13.26 0.25 6.01
C ASN A 25 -12.59 -0.51 4.85
N LEU A 26 -11.36 -0.95 5.05
CA LEU A 26 -10.66 -1.69 4.00
C LEU A 26 -10.88 -3.19 4.14
N VAL A 27 -11.75 -3.59 5.05
CA VAL A 27 -12.07 -4.99 5.23
C VAL A 27 -12.65 -5.56 3.94
N GLU A 28 -13.42 -4.74 3.25
CA GLU A 28 -13.97 -5.13 1.96
C GLU A 28 -12.99 -4.83 0.82
N ALA A 29 -12.03 -3.97 1.07
CA ALA A 29 -11.07 -3.56 0.06
C ALA A 29 -9.98 -4.63 -0.15
N LEU A 30 -9.33 -5.02 0.94
CA LEU A 30 -8.25 -6.02 0.90
C LEU A 30 -8.71 -7.37 0.35
N GLN A 31 -10.02 -7.52 0.19
CA GLN A 31 -10.63 -8.80 -0.23
C GLN A 31 -10.29 -9.19 -1.66
N SER A 32 -9.66 -8.28 -2.39
CA SER A 32 -9.29 -8.53 -3.78
C SER A 32 -8.48 -9.82 -3.94
N PRO A 33 -9.05 -10.83 -4.60
CA PRO A 33 -8.39 -12.13 -4.80
C PRO A 33 -7.36 -12.10 -5.92
N GLY A 34 -7.38 -11.03 -6.70
CA GLY A 34 -6.49 -10.90 -7.83
C GLY A 34 -5.07 -10.54 -7.43
N PRO A 35 -4.44 -9.62 -8.18
CA PRO A 35 -3.05 -9.24 -7.98
C PRO A 35 -2.84 -8.18 -6.89
N PHE A 36 -1.59 -8.02 -6.46
CA PHE A 36 -1.26 -7.12 -5.35
C PHE A 36 0.02 -6.34 -5.63
N THR A 37 -0.07 -5.02 -5.60
CA THR A 37 1.07 -4.15 -5.80
C THR A 37 1.52 -3.51 -4.48
N VAL A 38 2.73 -3.81 -4.08
CA VAL A 38 3.27 -3.32 -2.82
C VAL A 38 4.34 -2.28 -3.09
N PHE A 39 4.15 -1.06 -2.57
CA PHE A 39 5.21 -0.09 -2.60
C PHE A 39 6.11 -0.37 -1.42
N ALA A 40 7.31 -0.83 -1.70
CA ALA A 40 8.22 -1.30 -0.66
C ALA A 40 9.19 -0.21 -0.21
N PRO A 41 9.06 0.28 1.01
CA PRO A 41 9.99 1.27 1.55
C PRO A 41 11.33 0.64 1.93
N ASN A 42 12.42 1.29 1.53
CA ASN A 42 13.76 0.78 1.82
C ASN A 42 14.09 0.97 3.30
N ASP A 43 15.32 0.70 3.69
CA ASP A 43 15.72 0.84 5.09
C ASP A 43 15.66 2.29 5.55
N ASP A 44 15.81 3.22 4.61
CA ASP A 44 15.82 4.64 4.97
C ASP A 44 14.40 5.17 4.94
N ALA A 45 13.57 4.45 4.21
CA ALA A 45 12.17 4.76 4.09
C ALA A 45 11.43 4.15 5.26
N PHE A 46 11.87 2.98 5.68
CA PHE A 46 11.38 2.33 6.89
C PHE A 46 11.69 3.24 8.08
N ALA A 47 12.65 4.12 7.87
CA ALA A 47 13.10 5.07 8.86
C ALA A 47 12.16 6.29 8.89
N LYS A 48 11.27 6.35 7.92
CA LYS A 48 10.26 7.40 7.83
C LYS A 48 9.01 6.97 8.59
N LEU A 49 8.86 5.66 8.69
CA LEU A 49 7.75 5.04 9.39
C LEU A 49 7.56 5.50 10.84
N PRO A 50 8.62 5.44 11.69
CA PRO A 50 8.50 5.67 13.14
C PRO A 50 7.84 7.00 13.50
N ASP A 51 6.53 6.93 13.72
CA ASP A 51 5.71 8.10 14.05
C ASP A 51 6.00 9.25 13.10
N GLY A 52 5.95 8.96 11.81
CA GLY A 52 6.21 9.98 10.82
C GLY A 52 5.13 10.04 9.77
N THR A 53 5.41 9.43 8.64
CA THR A 53 4.53 9.48 7.49
C THR A 53 3.19 8.83 7.79
N ILE A 54 3.23 7.56 8.18
CA ILE A 54 2.03 6.80 8.43
C ILE A 54 1.15 7.44 9.50
N THR A 55 1.78 8.20 10.37
CA THR A 55 1.05 8.96 11.37
C THR A 55 0.18 10.03 10.71
N SER A 56 0.68 10.70 9.70
CA SER A 56 -0.09 11.72 8.99
C SER A 56 -1.04 11.03 8.02
N LEU A 57 -0.59 9.89 7.56
CA LEU A 57 -1.35 9.06 6.64
C LEU A 57 -2.56 8.42 7.33
N VAL A 58 -2.47 8.24 8.65
CA VAL A 58 -3.60 7.68 9.39
C VAL A 58 -4.62 8.78 9.65
N GLN A 59 -4.14 10.01 9.76
CA GLN A 59 -4.99 11.17 9.92
C GLN A 59 -5.74 11.40 8.63
N ASN A 60 -5.11 10.94 7.58
CA ASN A 60 -5.60 10.98 6.23
C ASN A 60 -6.66 9.90 5.99
N PRO A 61 -7.37 9.97 4.85
CA PRO A 61 -8.36 8.96 4.40
C PRO A 61 -7.97 7.48 4.68
N PRO A 62 -8.96 6.56 4.48
CA PRO A 62 -8.89 5.11 4.83
C PRO A 62 -7.57 4.34 4.58
N GLN A 63 -6.62 4.96 3.89
CA GLN A 63 -5.32 4.35 3.56
C GLN A 63 -4.69 3.57 4.72
N LEU A 64 -5.10 3.85 5.96
CA LEU A 64 -4.65 3.09 7.12
C LEU A 64 -4.74 1.59 6.86
N GLY A 65 -5.91 1.14 6.40
CA GLY A 65 -6.15 -0.28 6.16
C GLY A 65 -5.11 -0.93 5.28
N ARG A 66 -4.58 -0.16 4.35
CA ARG A 66 -3.56 -0.63 3.44
C ARG A 66 -2.25 -0.78 4.19
N ILE A 67 -1.90 0.28 4.88
CA ILE A 67 -0.72 0.34 5.74
C ILE A 67 -0.55 -0.89 6.62
N LEU A 68 -1.60 -1.24 7.38
CA LEU A 68 -1.48 -2.24 8.46
C LEU A 68 -0.76 -3.51 8.04
N LYS A 69 -1.31 -4.25 7.11
CA LYS A 69 -0.82 -5.59 6.84
C LYS A 69 0.30 -5.62 5.81
N TYR A 70 0.03 -5.18 4.60
CA TYR A 70 1.00 -5.35 3.52
C TYR A 70 1.41 -4.04 2.86
N HIS A 71 0.82 -2.92 3.33
CA HIS A 71 0.98 -1.61 2.69
C HIS A 71 0.87 -1.76 1.17
N VAL A 72 -0.22 -2.41 0.76
CA VAL A 72 -0.38 -2.89 -0.60
C VAL A 72 -1.62 -2.30 -1.27
N VAL A 73 -1.62 -2.33 -2.60
CA VAL A 73 -2.79 -2.00 -3.39
C VAL A 73 -3.03 -3.09 -4.43
N ALA A 74 -4.26 -3.57 -4.50
CA ALA A 74 -4.63 -4.60 -5.47
C ALA A 74 -4.51 -4.08 -6.89
N GLY A 75 -4.14 -4.97 -7.79
CA GLY A 75 -3.90 -4.58 -9.14
C GLY A 75 -2.42 -4.52 -9.43
N ALA A 76 -1.91 -5.57 -10.05
CA ALA A 76 -0.50 -5.67 -10.40
C ALA A 76 -0.10 -4.60 -11.41
N TYR A 77 0.55 -3.57 -10.91
CA TYR A 77 1.01 -2.47 -11.76
C TYR A 77 2.52 -2.46 -11.81
N LYS A 78 3.08 -2.42 -13.00
CA LYS A 78 4.52 -2.23 -13.13
C LYS A 78 4.82 -0.76 -13.27
N ALA A 79 6.06 -0.34 -13.01
CA ALA A 79 6.41 1.08 -12.95
C ALA A 79 5.87 1.85 -14.16
N THR A 80 5.79 1.17 -15.28
CA THR A 80 5.39 1.80 -16.53
C THR A 80 3.89 2.12 -16.54
N ASP A 81 3.11 1.37 -15.78
CA ASP A 81 1.68 1.57 -15.72
C ASP A 81 1.37 2.78 -14.85
N LEU A 82 1.97 2.79 -13.66
CA LEU A 82 1.85 3.89 -12.72
C LEU A 82 2.24 5.22 -13.35
N LYS A 83 3.40 5.25 -13.97
CA LYS A 83 3.92 6.47 -14.56
C LYS A 83 3.10 6.91 -15.77
N ARG A 84 2.61 5.94 -16.53
CA ARG A 84 1.78 6.21 -17.68
C ARG A 84 0.55 7.00 -17.26
N MET A 85 0.03 6.63 -16.11
CA MET A 85 -1.11 7.32 -15.53
C MET A 85 -0.68 8.60 -14.82
N GLY A 86 0.49 8.54 -14.22
CA GLY A 86 1.01 9.68 -13.49
C GLY A 86 0.42 9.79 -12.10
N ILE A 87 -0.25 8.73 -11.69
CA ILE A 87 -0.91 8.66 -10.41
C ILE A 87 -1.21 7.21 -10.09
N VAL A 88 -1.36 6.93 -8.81
CA VAL A 88 -1.65 5.59 -8.34
C VAL A 88 -2.80 5.61 -7.35
N THR A 89 -3.68 4.64 -7.43
CA THR A 89 -4.82 4.62 -6.52
C THR A 89 -4.72 3.45 -5.55
N SER A 90 -4.95 3.75 -4.28
CA SER A 90 -4.92 2.76 -3.22
C SER A 90 -6.09 1.79 -3.34
N LEU A 91 -6.00 0.66 -2.65
CA LEU A 91 -7.09 -0.30 -2.57
C LEU A 91 -8.35 0.38 -2.08
N GLU A 92 -8.15 1.39 -1.25
CA GLU A 92 -9.26 2.13 -0.65
C GLU A 92 -9.78 3.17 -1.63
N GLY A 93 -8.90 3.59 -2.53
CA GLY A 93 -9.26 4.60 -3.50
C GLY A 93 -8.50 5.92 -3.31
N SER A 94 -7.41 5.88 -2.57
CA SER A 94 -6.58 7.06 -2.41
C SER A 94 -5.54 7.16 -3.52
N THR A 95 -5.57 8.26 -4.26
CA THR A 95 -4.65 8.50 -5.35
C THR A 95 -3.38 9.24 -4.90
N ILE A 96 -2.24 8.79 -5.41
CA ILE A 96 -0.95 9.41 -5.15
C ILE A 96 -0.27 9.70 -6.49
N PRO A 97 0.18 10.93 -6.72
CA PRO A 97 0.74 11.30 -8.02
C PRO A 97 2.11 10.68 -8.27
N ILE A 98 2.23 10.12 -9.45
CA ILE A 98 3.47 9.53 -9.91
C ILE A 98 4.29 10.50 -10.72
N HIS A 99 5.58 10.51 -10.42
CA HIS A 99 6.56 11.30 -11.14
C HIS A 99 7.60 10.36 -11.72
N GLY A 100 8.59 10.90 -12.41
CA GLY A 100 9.60 10.04 -13.00
C GLY A 100 10.49 10.77 -13.97
N ASP A 101 11.61 11.24 -13.46
CA ASP A 101 12.62 11.88 -14.29
C ASP A 101 13.46 10.82 -15.00
N ASN A 102 13.89 9.85 -14.21
CA ASN A 102 14.66 8.71 -14.71
C ASN A 102 14.18 7.42 -14.03
N PRO A 103 14.14 7.37 -12.68
CA PRO A 103 13.48 6.28 -11.97
C PRO A 103 12.01 6.60 -11.77
N LEU A 104 11.24 5.67 -11.27
CA LEU A 104 9.86 5.94 -10.95
C LEU A 104 9.81 6.82 -9.72
N GLU A 105 8.76 7.59 -9.57
CA GLU A 105 8.66 8.51 -8.47
C GLU A 105 7.23 8.52 -7.95
N VAL A 106 7.11 8.31 -6.67
CA VAL A 106 5.82 8.17 -6.03
C VAL A 106 5.71 9.10 -4.83
N LYS A 107 4.70 9.98 -4.84
CA LYS A 107 4.53 11.02 -3.82
C LYS A 107 5.85 11.76 -3.54
N ASN A 108 6.30 11.78 -2.31
CA ASN A 108 7.56 12.41 -1.94
C ASN A 108 8.68 11.38 -1.88
N ALA A 109 8.50 10.27 -2.59
CA ALA A 109 9.46 9.19 -2.58
C ALA A 109 10.02 8.93 -3.98
N THR A 110 11.10 8.18 -4.04
CA THR A 110 11.74 7.85 -5.28
C THR A 110 11.91 6.35 -5.35
N VAL A 111 11.66 5.78 -6.50
CA VAL A 111 11.70 4.35 -6.66
C VAL A 111 13.10 3.86 -6.96
N LEU A 112 13.56 2.91 -6.16
CA LEU A 112 14.86 2.30 -6.33
C LEU A 112 14.75 1.11 -7.25
N ALA A 113 13.64 0.39 -7.14
CA ALA A 113 13.46 -0.83 -7.88
C ALA A 113 12.00 -1.19 -7.97
N ALA A 114 11.47 -1.23 -9.18
CA ALA A 114 10.12 -1.64 -9.41
C ALA A 114 10.06 -2.61 -10.57
N ASP A 115 8.84 -2.98 -10.96
CA ASP A 115 8.63 -4.03 -11.95
C ASP A 115 9.05 -5.36 -11.32
N ILE A 116 8.94 -5.39 -10.00
CA ILE A 116 9.27 -6.57 -9.24
C ILE A 116 8.04 -7.44 -9.12
N GLU A 117 8.03 -8.55 -9.81
CA GLU A 117 6.88 -9.43 -9.76
C GLU A 117 6.75 -10.07 -8.39
N ALA A 118 5.77 -9.58 -7.65
CA ALA A 118 5.49 -10.07 -6.31
C ALA A 118 4.67 -11.33 -6.34
N GLU A 119 4.39 -11.85 -5.15
CA GLU A 119 3.57 -13.04 -4.94
C GLU A 119 2.31 -13.00 -5.81
N ASN A 120 1.58 -11.91 -5.73
CA ASN A 120 0.34 -11.79 -6.48
C ASN A 120 0.40 -10.64 -7.48
N GLY A 121 1.39 -9.77 -7.35
CA GLY A 121 1.45 -8.61 -8.22
C GLY A 121 2.85 -8.10 -8.42
N ILE A 122 3.10 -6.93 -7.87
CA ILE A 122 4.34 -6.22 -8.08
C ILE A 122 4.80 -5.52 -6.81
N ILE A 123 6.10 -5.50 -6.60
CA ILE A 123 6.72 -4.76 -5.50
C ILE A 123 7.52 -3.59 -6.05
N HIS A 124 7.61 -2.51 -5.30
CA HIS A 124 8.32 -1.35 -5.77
C HIS A 124 8.95 -0.57 -4.64
N VAL A 125 10.26 -0.56 -4.67
CA VAL A 125 11.06 -0.01 -3.59
C VAL A 125 11.13 1.50 -3.69
N ILE A 126 10.84 2.17 -2.58
CA ILE A 126 10.96 3.61 -2.48
C ILE A 126 11.87 3.96 -1.33
N ASP A 127 12.40 5.17 -1.38
CA ASP A 127 13.40 5.61 -0.43
C ASP A 127 12.75 6.46 0.65
N THR A 128 11.44 6.55 0.58
CA THR A 128 10.68 7.44 1.42
C THR A 128 9.26 6.91 1.56
N VAL A 129 8.78 6.74 2.78
CA VAL A 129 7.40 6.38 2.98
C VAL A 129 6.53 7.62 2.80
N MET A 1 -11.28 -21.62 6.88
CA MET A 1 -10.95 -21.25 5.48
C MET A 1 -11.53 -19.87 5.17
N ALA A 2 -10.80 -18.84 5.55
CA ALA A 2 -11.21 -17.47 5.29
C ALA A 2 -10.00 -16.61 5.00
N THR A 3 -10.19 -15.60 4.16
CA THR A 3 -9.12 -14.66 3.83
C THR A 3 -8.64 -13.93 5.09
N ILE A 4 -7.34 -13.64 5.14
CA ILE A 4 -6.72 -13.01 6.31
C ILE A 4 -7.36 -11.66 6.67
N VAL A 5 -8.03 -11.06 5.71
CA VAL A 5 -8.75 -9.83 5.96
C VAL A 5 -10.18 -10.12 6.40
N ASP A 6 -10.75 -11.16 5.80
CA ASP A 6 -12.11 -11.58 6.13
C ASP A 6 -12.21 -11.89 7.61
N ILE A 7 -11.27 -12.71 8.06
CA ILE A 7 -11.19 -13.11 9.46
C ILE A 7 -11.14 -11.92 10.41
N ALA A 8 -10.73 -10.75 9.92
CA ALA A 8 -10.70 -9.55 10.76
C ALA A 8 -12.08 -9.25 11.32
N VAL A 9 -13.11 -9.46 10.52
CA VAL A 9 -14.49 -9.30 10.97
C VAL A 9 -14.89 -10.47 11.87
N ASN A 10 -14.20 -11.58 11.70
CA ASN A 10 -14.51 -12.82 12.40
C ASN A 10 -13.82 -12.90 13.76
N THR A 11 -12.70 -12.19 13.91
CA THR A 11 -11.84 -12.31 15.08
C THR A 11 -12.55 -11.95 16.38
N PRO A 12 -12.38 -12.79 17.41
CA PRO A 12 -12.89 -12.50 18.74
C PRO A 12 -11.97 -11.58 19.52
N GLY A 13 -11.88 -10.34 19.07
CA GLY A 13 -11.10 -9.35 19.78
C GLY A 13 -9.62 -9.55 19.56
N PHE A 14 -9.23 -9.73 18.30
CA PHE A 14 -7.81 -9.88 17.95
C PHE A 14 -7.04 -8.59 18.19
N SER A 15 -5.80 -8.56 17.72
CA SER A 15 -4.97 -7.37 17.78
C SER A 15 -5.62 -6.22 17.01
N THR A 16 -5.23 -4.99 17.36
CA THR A 16 -5.81 -3.80 16.77
C THR A 16 -5.59 -3.75 15.25
N LEU A 17 -4.63 -4.54 14.79
CA LEU A 17 -4.33 -4.63 13.36
C LEU A 17 -5.55 -5.08 12.57
N VAL A 18 -6.43 -5.88 13.18
CA VAL A 18 -7.60 -6.38 12.48
C VAL A 18 -8.66 -5.30 12.42
N THR A 19 -8.68 -4.46 13.43
CA THR A 19 -9.66 -3.41 13.51
C THR A 19 -9.23 -2.21 12.70
N ALA A 20 -7.93 -2.01 12.58
CA ALA A 20 -7.40 -0.88 11.82
C ALA A 20 -7.80 -0.97 10.34
N VAL A 21 -7.95 -2.18 9.81
CA VAL A 21 -8.52 -2.34 8.48
C VAL A 21 -10.04 -2.28 8.53
N LYS A 22 -10.63 -2.83 9.59
CA LYS A 22 -12.07 -2.83 9.77
C LYS A 22 -12.62 -1.41 9.88
N VAL A 23 -11.90 -0.58 10.61
CA VAL A 23 -12.29 0.80 10.84
C VAL A 23 -12.02 1.61 9.57
N ALA A 24 -10.92 1.26 8.91
CA ALA A 24 -10.53 1.91 7.68
C ALA A 24 -11.41 1.47 6.53
N ASN A 25 -12.28 0.49 6.81
CA ASN A 25 -13.23 -0.05 5.86
C ASN A 25 -12.57 -0.82 4.70
N LEU A 26 -11.28 -1.13 4.86
CA LEU A 26 -10.57 -1.89 3.83
C LEU A 26 -10.76 -3.38 4.01
N VAL A 27 -11.64 -3.74 4.92
CA VAL A 27 -11.97 -5.14 5.15
C VAL A 27 -12.47 -5.78 3.86
N GLU A 28 -13.23 -5.02 3.09
CA GLU A 28 -13.69 -5.49 1.79
C GLU A 28 -12.67 -5.23 0.69
N ALA A 29 -11.75 -4.30 0.94
CA ALA A 29 -10.75 -3.94 -0.05
C ALA A 29 -9.65 -4.98 -0.17
N LEU A 30 -9.03 -5.32 0.95
CA LEU A 30 -7.93 -6.29 1.00
C LEU A 30 -8.33 -7.67 0.47
N GLN A 31 -9.64 -7.89 0.33
CA GLN A 31 -10.18 -9.18 -0.12
C GLN A 31 -9.80 -9.49 -1.56
N SER A 32 -9.16 -8.53 -2.22
CA SER A 32 -8.76 -8.64 -3.63
C SER A 32 -7.98 -9.92 -3.91
N PRO A 33 -8.61 -10.85 -4.66
CA PRO A 33 -7.99 -12.14 -5.01
C PRO A 33 -7.02 -12.06 -6.19
N GLY A 34 -7.13 -10.98 -6.95
CA GLY A 34 -6.33 -10.83 -8.15
C GLY A 34 -4.88 -10.45 -7.87
N PRO A 35 -4.30 -9.56 -8.67
CA PRO A 35 -2.91 -9.19 -8.52
C PRO A 35 -2.67 -8.24 -7.35
N PHE A 36 -1.42 -8.14 -6.95
CA PHE A 36 -1.04 -7.44 -5.73
C PHE A 36 0.14 -6.51 -6.00
N THR A 37 -0.04 -5.25 -5.73
CA THR A 37 1.02 -4.28 -5.91
C THR A 37 1.40 -3.66 -4.57
N VAL A 38 2.69 -3.54 -4.33
CA VAL A 38 3.16 -3.04 -3.04
C VAL A 38 4.23 -1.97 -3.23
N PHE A 39 4.35 -1.13 -2.21
CA PHE A 39 5.44 -0.17 -2.13
C PHE A 39 6.35 -0.57 -0.98
N ALA A 40 7.55 -1.02 -1.30
CA ALA A 40 8.47 -1.54 -0.30
C ALA A 40 9.50 -0.51 0.14
N PRO A 41 9.43 -0.08 1.41
CA PRO A 41 10.37 0.91 1.95
C PRO A 41 11.72 0.28 2.30
N ASN A 42 12.80 0.90 1.85
CA ASN A 42 14.13 0.36 2.13
C ASN A 42 14.62 0.82 3.50
N ASP A 43 15.86 0.50 3.82
CA ASP A 43 16.44 0.85 5.14
C ASP A 43 16.41 2.36 5.38
N ASP A 44 16.45 3.14 4.30
CA ASP A 44 16.51 4.58 4.42
C ASP A 44 15.12 5.12 4.63
N ALA A 45 14.14 4.33 4.22
CA ALA A 45 12.75 4.65 4.42
C ALA A 45 12.34 4.32 5.84
N PHE A 46 12.90 3.23 6.34
CA PHE A 46 12.77 2.87 7.75
C PHE A 46 13.34 3.98 8.62
N ALA A 47 14.23 4.74 8.00
CA ALA A 47 14.91 5.84 8.65
C ALA A 47 14.08 7.13 8.54
N LYS A 48 13.03 7.07 7.72
CA LYS A 48 12.12 8.19 7.56
C LYS A 48 11.02 8.14 8.59
N LEU A 49 10.79 6.92 9.08
CA LEU A 49 9.79 6.65 10.10
C LEU A 49 9.74 7.67 11.24
N PRO A 50 10.90 8.13 11.77
CA PRO A 50 10.96 9.25 12.74
C PRO A 50 10.01 10.41 12.38
N ASP A 51 9.89 10.73 11.10
CA ASP A 51 8.95 11.74 10.63
C ASP A 51 7.54 11.17 10.62
N GLY A 52 7.28 10.24 9.73
CA GLY A 52 6.01 9.54 9.72
C GLY A 52 5.05 10.05 8.67
N THR A 53 5.29 9.66 7.42
CA THR A 53 4.35 9.92 6.34
C THR A 53 3.06 9.15 6.57
N ILE A 54 3.21 7.86 6.80
CA ILE A 54 2.09 6.97 7.03
C ILE A 54 1.26 7.44 8.22
N THR A 55 1.89 8.16 9.12
CA THR A 55 1.21 8.75 10.25
C THR A 55 0.21 9.80 9.81
N SER A 56 0.52 10.51 8.72
CA SER A 56 -0.39 11.48 8.17
C SER A 56 -1.42 10.77 7.32
N LEU A 57 -1.03 9.62 6.83
CA LEU A 57 -1.88 8.80 5.98
C LEU A 57 -2.96 8.10 6.80
N VAL A 58 -2.70 7.89 8.08
CA VAL A 58 -3.72 7.35 8.97
C VAL A 58 -4.72 8.44 9.34
N GLN A 59 -4.22 9.67 9.40
CA GLN A 59 -5.06 10.81 9.69
C GLN A 59 -5.96 11.09 8.50
N ASN A 60 -5.40 10.70 7.36
CA ASN A 60 -6.01 10.82 6.06
C ASN A 60 -6.99 9.66 5.81
N PRO A 61 -7.79 9.77 4.73
CA PRO A 61 -8.74 8.71 4.28
C PRO A 61 -8.24 7.25 4.43
N PRO A 62 -9.16 6.26 4.21
CA PRO A 62 -8.99 4.81 4.46
C PRO A 62 -7.62 4.17 4.13
N GLN A 63 -6.74 4.91 3.45
CA GLN A 63 -5.37 4.48 3.13
C GLN A 63 -4.69 3.74 4.29
N LEU A 64 -5.10 4.02 5.53
CA LEU A 64 -4.60 3.29 6.69
C LEU A 64 -4.73 1.79 6.51
N GLY A 65 -5.92 1.36 6.13
CA GLY A 65 -6.26 -0.06 6.07
C GLY A 65 -5.25 -0.89 5.31
N ARG A 66 -4.66 -0.30 4.30
CA ARG A 66 -3.70 -1.00 3.46
C ARG A 66 -2.35 -1.11 4.17
N ILE A 67 -2.01 -0.07 4.91
CA ILE A 67 -0.73 0.05 5.57
C ILE A 67 -0.47 -1.09 6.54
N LEU A 68 -1.48 -1.39 7.36
CA LEU A 68 -1.35 -2.35 8.46
C LEU A 68 -0.65 -3.64 8.04
N LYS A 69 -1.24 -4.39 7.11
CA LYS A 69 -0.72 -5.70 6.78
C LYS A 69 0.33 -5.67 5.68
N TYR A 70 -0.02 -5.20 4.49
CA TYR A 70 0.86 -5.41 3.34
C TYR A 70 1.33 -4.12 2.67
N HIS A 71 0.67 -2.99 2.95
CA HIS A 71 0.94 -1.74 2.24
C HIS A 71 0.55 -1.91 0.78
N VAL A 72 -0.49 -2.73 0.58
CA VAL A 72 -0.83 -3.26 -0.72
C VAL A 72 -1.88 -2.44 -1.45
N VAL A 73 -1.84 -2.57 -2.75
CA VAL A 73 -2.89 -2.12 -3.64
C VAL A 73 -3.06 -3.15 -4.75
N ALA A 74 -4.26 -3.71 -4.84
CA ALA A 74 -4.58 -4.71 -5.85
C ALA A 74 -4.49 -4.13 -7.24
N GLY A 75 -4.00 -4.93 -8.15
CA GLY A 75 -3.84 -4.48 -9.50
C GLY A 75 -2.38 -4.37 -9.85
N ALA A 76 -1.86 -5.39 -10.51
CA ALA A 76 -0.47 -5.45 -10.90
C ALA A 76 -0.07 -4.25 -11.75
N TYR A 77 0.62 -3.31 -11.14
CA TYR A 77 1.07 -2.12 -11.85
C TYR A 77 2.59 -2.06 -11.94
N LYS A 78 3.16 -2.31 -13.12
CA LYS A 78 4.53 -2.02 -13.39
C LYS A 78 4.74 -0.55 -13.22
N ALA A 79 5.97 -0.13 -12.97
CA ALA A 79 6.22 1.26 -12.67
C ALA A 79 5.56 2.16 -13.70
N THR A 80 5.54 1.70 -14.94
CA THR A 80 5.15 2.52 -16.07
C THR A 80 3.65 2.72 -16.12
N ASP A 81 2.89 1.76 -15.60
CA ASP A 81 1.43 1.89 -15.60
C ASP A 81 1.04 3.02 -14.67
N LEU A 82 1.80 3.15 -13.58
CA LEU A 82 1.61 4.22 -12.63
C LEU A 82 1.92 5.58 -13.23
N LYS A 83 3.09 5.71 -13.84
CA LYS A 83 3.52 6.93 -14.46
C LYS A 83 2.70 7.29 -15.68
N ARG A 84 2.18 6.28 -16.38
CA ARG A 84 1.27 6.47 -17.45
C ARG A 84 0.04 7.21 -16.93
N MET A 85 -0.26 6.96 -15.68
CA MET A 85 -1.30 7.70 -14.98
C MET A 85 -0.72 8.96 -14.34
N GLY A 86 0.48 8.83 -13.77
CA GLY A 86 1.05 9.92 -13.01
C GLY A 86 0.43 9.99 -11.63
N ILE A 87 -0.25 8.92 -11.26
CA ILE A 87 -0.92 8.77 -10.00
C ILE A 87 -1.24 7.30 -9.78
N VAL A 88 -1.48 6.95 -8.54
CA VAL A 88 -1.82 5.59 -8.17
C VAL A 88 -3.03 5.58 -7.27
N THR A 89 -3.94 4.65 -7.49
CA THR A 89 -5.11 4.56 -6.64
C THR A 89 -5.01 3.36 -5.73
N SER A 90 -5.17 3.62 -4.45
CA SER A 90 -5.05 2.61 -3.41
C SER A 90 -6.20 1.60 -3.48
N LEU A 91 -6.04 0.46 -2.83
CA LEU A 91 -7.08 -0.56 -2.78
C LEU A 91 -8.42 0.04 -2.35
N GLU A 92 -8.33 1.00 -1.44
CA GLU A 92 -9.50 1.68 -0.90
C GLU A 92 -10.04 2.70 -1.90
N GLY A 93 -9.12 3.20 -2.72
CA GLY A 93 -9.48 4.25 -3.65
C GLY A 93 -8.72 5.55 -3.44
N SER A 94 -7.68 5.54 -2.60
CA SER A 94 -6.88 6.74 -2.38
C SER A 94 -5.82 6.91 -3.45
N THR A 95 -5.89 8.03 -4.16
CA THR A 95 -4.91 8.35 -5.19
C THR A 95 -3.66 9.04 -4.62
N ILE A 96 -2.51 8.62 -5.14
CA ILE A 96 -1.22 9.18 -4.76
C ILE A 96 -0.45 9.52 -6.03
N PRO A 97 0.04 10.76 -6.18
CA PRO A 97 0.67 11.21 -7.42
C PRO A 97 2.00 10.53 -7.72
N ILE A 98 2.13 10.10 -8.96
CA ILE A 98 3.33 9.48 -9.47
C ILE A 98 4.12 10.43 -10.34
N HIS A 99 5.43 10.33 -10.22
CA HIS A 99 6.36 11.09 -11.04
C HIS A 99 7.54 10.19 -11.40
N GLY A 100 8.45 10.70 -12.19
CA GLY A 100 9.65 9.93 -12.49
C GLY A 100 10.41 10.45 -13.67
N ASP A 101 11.67 10.81 -13.44
CA ASP A 101 12.55 11.20 -14.52
C ASP A 101 13.47 10.04 -14.87
N ASN A 102 14.17 9.51 -13.87
CA ASN A 102 14.95 8.29 -14.04
C ASN A 102 14.26 7.12 -13.33
N PRO A 103 14.09 7.16 -12.00
CA PRO A 103 13.33 6.15 -11.27
C PRO A 103 11.86 6.53 -11.16
N LEU A 104 11.05 5.62 -10.64
CA LEU A 104 9.68 5.96 -10.31
C LEU A 104 9.67 6.80 -9.03
N GLU A 105 8.63 7.60 -8.86
CA GLU A 105 8.56 8.55 -7.77
C GLU A 105 7.14 8.61 -7.24
N VAL A 106 6.95 8.05 -6.06
CA VAL A 106 5.63 7.90 -5.49
C VAL A 106 5.45 8.89 -4.32
N LYS A 107 4.54 9.86 -4.55
CA LYS A 107 4.27 11.00 -3.64
C LYS A 107 5.54 11.72 -3.15
N ASN A 108 6.19 11.19 -2.14
CA ASN A 108 7.34 11.84 -1.54
C ASN A 108 8.45 10.83 -1.33
N ALA A 109 8.39 9.76 -2.11
CA ALA A 109 9.36 8.70 -2.05
C ALA A 109 9.91 8.39 -3.44
N THR A 110 11.09 7.80 -3.49
CA THR A 110 11.75 7.53 -4.73
C THR A 110 12.00 6.05 -4.85
N VAL A 111 11.70 5.52 -6.00
CA VAL A 111 11.87 4.11 -6.24
C VAL A 111 13.33 3.77 -6.52
N LEU A 112 13.83 2.79 -5.77
CA LEU A 112 15.16 2.26 -5.96
C LEU A 112 15.11 1.12 -6.97
N ALA A 113 14.05 0.35 -6.86
CA ALA A 113 13.85 -0.81 -7.72
C ALA A 113 12.36 -1.11 -7.86
N ALA A 114 11.82 -0.88 -9.04
CA ALA A 114 10.44 -1.16 -9.33
C ALA A 114 10.32 -1.90 -10.64
N ASP A 115 9.08 -2.11 -11.08
CA ASP A 115 8.81 -2.90 -12.26
C ASP A 115 9.08 -4.36 -11.91
N ILE A 116 8.92 -4.65 -10.63
CA ILE A 116 9.15 -5.97 -10.09
C ILE A 116 7.85 -6.75 -10.04
N GLU A 117 7.70 -7.75 -10.87
CA GLU A 117 6.56 -8.61 -10.75
C GLU A 117 6.60 -9.45 -9.48
N ALA A 118 5.64 -9.18 -8.62
CA ALA A 118 5.50 -9.85 -7.33
C ALA A 118 4.85 -11.21 -7.47
N GLU A 119 4.58 -11.82 -6.31
CA GLU A 119 3.84 -13.07 -6.23
C GLU A 119 2.57 -13.03 -7.08
N ASN A 120 1.77 -12.00 -6.88
CA ASN A 120 0.53 -11.84 -7.63
C ASN A 120 0.56 -10.61 -8.52
N GLY A 121 1.44 -9.66 -8.22
CA GLY A 121 1.38 -8.39 -8.92
C GLY A 121 2.73 -7.79 -9.21
N ILE A 122 2.98 -6.65 -8.59
CA ILE A 122 4.18 -5.88 -8.83
C ILE A 122 4.65 -5.20 -7.54
N ILE A 123 5.96 -5.04 -7.43
CA ILE A 123 6.59 -4.41 -6.28
C ILE A 123 7.38 -3.18 -6.71
N HIS A 124 7.43 -2.19 -5.83
CA HIS A 124 8.28 -1.01 -6.05
C HIS A 124 8.97 -0.63 -4.76
N VAL A 125 10.28 -0.68 -4.75
CA VAL A 125 11.07 -0.31 -3.58
C VAL A 125 11.27 1.21 -3.55
N ILE A 126 10.99 1.84 -2.41
CA ILE A 126 11.11 3.29 -2.30
C ILE A 126 12.02 3.65 -1.13
N ASP A 127 12.49 4.87 -1.16
CA ASP A 127 13.47 5.34 -0.21
C ASP A 127 12.82 6.06 0.95
N THR A 128 11.50 6.07 0.97
CA THR A 128 10.77 6.88 1.91
C THR A 128 9.45 6.24 2.30
N VAL A 129 9.24 6.10 3.61
CA VAL A 129 7.96 5.72 4.14
C VAL A 129 7.06 6.96 4.18
N MET A 1 -14.78 -20.57 3.50
CA MET A 1 -13.56 -19.82 3.16
C MET A 1 -13.70 -18.37 3.56
N ALA A 2 -12.79 -17.89 4.37
CA ALA A 2 -12.81 -16.51 4.83
C ALA A 2 -11.47 -15.83 4.57
N THR A 3 -11.52 -14.78 3.77
CA THR A 3 -10.33 -13.98 3.49
C THR A 3 -9.82 -13.35 4.79
N ILE A 4 -8.49 -13.19 4.88
CA ILE A 4 -7.82 -12.67 6.07
C ILE A 4 -8.38 -11.31 6.52
N VAL A 5 -9.02 -10.61 5.60
CA VAL A 5 -9.66 -9.34 5.90
C VAL A 5 -11.11 -9.55 6.30
N ASP A 6 -11.76 -10.51 5.64
CA ASP A 6 -13.16 -10.79 5.88
C ASP A 6 -13.38 -11.17 7.33
N ILE A 7 -12.50 -12.00 7.84
CA ILE A 7 -12.55 -12.43 9.22
C ILE A 7 -12.47 -11.24 10.19
N ALA A 8 -11.93 -10.12 9.73
CA ALA A 8 -11.83 -8.93 10.58
C ALA A 8 -13.21 -8.44 10.99
N VAL A 9 -14.19 -8.59 10.10
CA VAL A 9 -15.56 -8.24 10.42
C VAL A 9 -16.28 -9.44 11.05
N ASN A 10 -15.61 -10.59 11.01
CA ASN A 10 -16.15 -11.84 11.55
C ASN A 10 -15.71 -12.04 13.00
N THR A 11 -14.58 -11.43 13.34
CA THR A 11 -13.96 -11.64 14.64
C THR A 11 -14.82 -11.13 15.78
N PRO A 12 -15.00 -11.96 16.83
CA PRO A 12 -15.77 -11.59 18.01
C PRO A 12 -14.98 -10.67 18.94
N GLY A 13 -14.68 -9.48 18.46
CA GLY A 13 -13.97 -8.52 19.28
C GLY A 13 -12.51 -8.85 19.40
N PHE A 14 -11.88 -9.16 18.27
CA PHE A 14 -10.45 -9.45 18.25
C PHE A 14 -9.59 -8.24 18.59
N SER A 15 -8.28 -8.38 18.43
CA SER A 15 -7.34 -7.31 18.64
C SER A 15 -7.62 -6.15 17.68
N THR A 16 -7.06 -4.99 18.01
CA THR A 16 -7.27 -3.79 17.20
C THR A 16 -6.73 -3.98 15.78
N LEU A 17 -5.86 -4.97 15.60
CA LEU A 17 -5.35 -5.32 14.27
C LEU A 17 -6.49 -5.52 13.28
N VAL A 18 -7.59 -6.11 13.72
CA VAL A 18 -8.72 -6.37 12.83
C VAL A 18 -9.55 -5.12 12.65
N THR A 19 -9.51 -4.27 13.66
CA THR A 19 -10.30 -3.06 13.64
C THR A 19 -9.59 -1.99 12.85
N ALA A 20 -8.26 -2.07 12.77
CA ALA A 20 -7.47 -1.10 12.04
C ALA A 20 -7.83 -1.08 10.56
N VAL A 21 -8.15 -2.23 9.99
CA VAL A 21 -8.66 -2.27 8.62
C VAL A 21 -10.14 -1.86 8.59
N LYS A 22 -10.89 -2.27 9.61
CA LYS A 22 -12.30 -1.95 9.71
C LYS A 22 -12.52 -0.44 9.80
N VAL A 23 -11.70 0.20 10.62
CA VAL A 23 -11.81 1.63 10.86
C VAL A 23 -11.33 2.41 9.65
N ALA A 24 -10.31 1.85 8.99
CA ALA A 24 -9.75 2.45 7.80
C ALA A 24 -10.64 2.23 6.60
N ASN A 25 -11.70 1.45 6.81
CA ASN A 25 -12.71 1.11 5.80
C ASN A 25 -12.18 0.14 4.74
N LEU A 26 -10.98 -0.40 4.93
CA LEU A 26 -10.40 -1.28 3.93
C LEU A 26 -10.85 -2.72 4.09
N VAL A 27 -11.82 -2.94 4.95
CA VAL A 27 -12.38 -4.27 5.15
C VAL A 27 -12.90 -4.83 3.82
N GLU A 28 -13.49 -3.95 3.03
CA GLU A 28 -13.98 -4.34 1.71
C GLU A 28 -12.89 -4.25 0.65
N ALA A 29 -11.86 -3.47 0.93
CA ALA A 29 -10.79 -3.26 -0.03
C ALA A 29 -9.84 -4.45 -0.11
N LEU A 30 -9.29 -4.85 1.04
CA LEU A 30 -8.32 -5.96 1.12
C LEU A 30 -8.90 -7.26 0.56
N GLN A 31 -10.21 -7.28 0.37
CA GLN A 31 -10.93 -8.47 -0.10
C GLN A 31 -10.52 -8.88 -1.51
N SER A 32 -9.83 -7.98 -2.21
CA SER A 32 -9.40 -8.22 -3.58
C SER A 32 -8.53 -9.48 -3.69
N PRO A 33 -9.04 -10.51 -4.39
CA PRO A 33 -8.34 -11.79 -4.54
C PRO A 33 -7.25 -11.77 -5.62
N GLY A 34 -7.28 -10.74 -6.45
CA GLY A 34 -6.39 -10.65 -7.59
C GLY A 34 -4.94 -10.36 -7.23
N PRO A 35 -4.21 -9.68 -8.12
CA PRO A 35 -2.79 -9.39 -7.94
C PRO A 35 -2.53 -8.32 -6.88
N PHE A 36 -1.26 -8.15 -6.51
CA PHE A 36 -0.91 -7.27 -5.39
C PHE A 36 0.35 -6.46 -5.68
N THR A 37 0.23 -5.14 -5.59
CA THR A 37 1.35 -4.25 -5.75
C THR A 37 1.78 -3.67 -4.40
N VAL A 38 3.05 -3.85 -4.08
CA VAL A 38 3.59 -3.40 -2.81
C VAL A 38 4.63 -2.30 -3.02
N PHE A 39 4.53 -1.23 -2.23
CA PHE A 39 5.55 -0.20 -2.21
C PHE A 39 6.43 -0.43 -0.99
N ALA A 40 7.70 -0.73 -1.23
CA ALA A 40 8.61 -1.11 -0.17
C ALA A 40 9.57 0.02 0.18
N PRO A 41 9.52 0.52 1.43
CA PRO A 41 10.42 1.58 1.87
C PRO A 41 11.86 1.08 2.02
N ASN A 42 12.77 1.77 1.36
CA ASN A 42 14.17 1.43 1.37
C ASN A 42 14.81 1.85 2.70
N ASP A 43 16.08 1.54 2.92
CA ASP A 43 16.74 1.83 4.19
C ASP A 43 16.74 3.32 4.51
N ASP A 44 16.87 4.16 3.49
CA ASP A 44 16.95 5.60 3.70
C ASP A 44 15.57 6.15 3.96
N ALA A 45 14.57 5.37 3.55
CA ALA A 45 13.18 5.70 3.76
C ALA A 45 12.82 5.47 5.22
N PHE A 46 13.33 4.36 5.74
CA PHE A 46 13.23 4.05 7.17
C PHE A 46 13.94 5.15 7.97
N ALA A 47 14.88 5.79 7.31
CA ALA A 47 15.66 6.86 7.92
C ALA A 47 14.94 8.19 7.80
N LYS A 48 14.02 8.26 6.83
CA LYS A 48 13.15 9.43 6.68
C LYS A 48 12.29 9.59 7.89
N LEU A 49 11.75 8.44 8.31
CA LEU A 49 10.63 8.40 9.26
C LEU A 49 10.62 9.54 10.26
N PRO A 50 9.83 10.53 9.93
CA PRO A 50 9.62 11.75 10.71
C PRO A 50 8.49 11.58 11.72
N ASP A 51 8.82 10.99 12.87
CA ASP A 51 7.84 10.70 13.93
C ASP A 51 6.79 9.71 13.43
N GLY A 52 7.10 9.05 12.32
CA GLY A 52 6.16 8.14 11.70
C GLY A 52 5.31 8.84 10.65
N THR A 53 5.69 8.67 9.39
CA THR A 53 4.90 9.18 8.27
C THR A 53 3.51 8.58 8.30
N ILE A 54 3.48 7.25 8.41
CA ILE A 54 2.24 6.50 8.41
C ILE A 54 1.34 6.95 9.55
N THR A 55 1.94 7.53 10.57
CA THR A 55 1.18 8.08 11.67
C THR A 55 0.23 9.19 11.21
N SER A 56 0.60 9.94 10.19
CA SER A 56 -0.27 10.98 9.67
C SER A 56 -1.26 10.35 8.68
N LEU A 57 -0.83 9.22 8.15
CA LEU A 57 -1.60 8.44 7.20
C LEU A 57 -2.70 7.65 7.90
N VAL A 58 -2.52 7.44 9.20
CA VAL A 58 -3.48 6.72 10.01
C VAL A 58 -4.50 7.65 10.63
N GLN A 59 -4.14 8.93 10.76
CA GLN A 59 -4.97 9.87 11.48
C GLN A 59 -6.30 10.07 10.81
N ASN A 60 -6.28 10.23 9.51
CA ASN A 60 -7.55 10.40 8.81
C ASN A 60 -7.53 10.17 7.28
N PRO A 61 -6.49 9.59 6.67
CA PRO A 61 -6.66 8.85 5.41
C PRO A 61 -6.95 7.37 5.65
N PRO A 62 -7.69 6.72 4.73
CA PRO A 62 -8.00 5.29 4.82
C PRO A 62 -6.76 4.41 4.67
N GLN A 63 -5.68 5.00 4.17
CA GLN A 63 -4.46 4.29 3.80
C GLN A 63 -3.98 3.28 4.84
N LEU A 64 -4.27 3.57 6.10
CA LEU A 64 -3.93 2.68 7.20
C LEU A 64 -4.28 1.23 6.92
N GLY A 65 -5.51 1.02 6.48
CA GLY A 65 -6.06 -0.32 6.30
C GLY A 65 -5.12 -1.30 5.62
N ARG A 66 -4.50 -0.83 4.57
CA ARG A 66 -3.65 -1.68 3.76
C ARG A 66 -2.29 -1.85 4.40
N ILE A 67 -1.82 -0.77 5.03
CA ILE A 67 -0.56 -0.77 5.76
C ILE A 67 -0.45 -1.93 6.74
N LEU A 68 -1.51 -2.12 7.53
CA LEU A 68 -1.52 -3.13 8.60
C LEU A 68 -0.97 -4.48 8.14
N LYS A 69 -1.55 -5.04 7.09
CA LYS A 69 -1.22 -6.40 6.70
C LYS A 69 -0.01 -6.46 5.76
N TYR A 70 -0.14 -5.89 4.57
CA TYR A 70 0.92 -6.01 3.58
C TYR A 70 1.41 -4.66 3.04
N HIS A 71 0.79 -3.57 3.53
CA HIS A 71 0.95 -2.23 2.93
C HIS A 71 0.88 -2.31 1.41
N VAL A 72 -0.21 -2.93 0.94
CA VAL A 72 -0.32 -3.35 -0.44
C VAL A 72 -1.55 -2.77 -1.14
N VAL A 73 -1.47 -2.67 -2.46
CA VAL A 73 -2.61 -2.30 -3.29
C VAL A 73 -2.82 -3.36 -4.36
N ALA A 74 -4.04 -3.87 -4.45
CA ALA A 74 -4.37 -4.88 -5.46
C ALA A 74 -4.25 -4.31 -6.85
N GLY A 75 -3.80 -5.15 -7.75
CA GLY A 75 -3.57 -4.74 -9.10
C GLY A 75 -2.11 -4.66 -9.41
N ALA A 76 -1.59 -5.69 -10.06
CA ALA A 76 -0.18 -5.75 -10.44
C ALA A 76 0.18 -4.63 -11.40
N TYR A 77 0.78 -3.58 -10.87
CA TYR A 77 1.18 -2.45 -11.71
C TYR A 77 2.71 -2.30 -11.77
N LYS A 78 3.29 -2.58 -12.93
CA LYS A 78 4.65 -2.22 -13.23
C LYS A 78 4.78 -0.71 -13.15
N ALA A 79 6.00 -0.23 -12.99
CA ALA A 79 6.23 1.21 -12.90
C ALA A 79 5.76 1.88 -14.18
N THR A 80 5.72 1.09 -15.26
CA THR A 80 5.30 1.62 -16.55
C THR A 80 3.79 1.87 -16.56
N ASP A 81 3.06 1.06 -15.81
CA ASP A 81 1.61 1.18 -15.77
C ASP A 81 1.20 2.41 -14.98
N LEU A 82 1.87 2.62 -13.86
CA LEU A 82 1.66 3.77 -13.00
C LEU A 82 1.99 5.08 -13.69
N LYS A 83 3.22 5.19 -14.19
CA LYS A 83 3.67 6.42 -14.83
C LYS A 83 2.83 6.75 -16.05
N ARG A 84 2.40 5.72 -16.76
CA ARG A 84 1.48 5.86 -17.87
C ARG A 84 0.26 6.67 -17.45
N MET A 85 -0.24 6.33 -16.28
CA MET A 85 -1.39 7.01 -15.71
C MET A 85 -1.01 8.36 -15.12
N GLY A 86 0.16 8.39 -14.48
CA GLY A 86 0.61 9.60 -13.81
C GLY A 86 0.03 9.71 -12.40
N ILE A 87 -0.64 8.66 -11.98
CA ILE A 87 -1.26 8.57 -10.68
C ILE A 87 -1.56 7.10 -10.40
N VAL A 88 -1.69 6.78 -9.14
CA VAL A 88 -1.99 5.42 -8.72
C VAL A 88 -3.17 5.41 -7.77
N THR A 89 -4.04 4.44 -7.88
CA THR A 89 -5.12 4.33 -6.94
C THR A 89 -4.93 3.14 -6.04
N SER A 90 -4.98 3.41 -4.76
CA SER A 90 -4.77 2.43 -3.73
C SER A 90 -5.95 1.47 -3.62
N LEU A 91 -5.80 0.37 -2.87
CA LEU A 91 -6.87 -0.58 -2.67
C LEU A 91 -8.10 0.13 -2.09
N GLU A 92 -7.81 1.08 -1.21
CA GLU A 92 -8.81 1.88 -0.51
C GLU A 92 -9.40 2.92 -1.45
N GLY A 93 -8.73 3.13 -2.55
CA GLY A 93 -9.19 4.11 -3.52
C GLY A 93 -8.40 5.40 -3.42
N SER A 94 -7.35 5.40 -2.63
CA SER A 94 -6.54 6.57 -2.49
C SER A 94 -5.60 6.75 -3.68
N THR A 95 -5.77 7.85 -4.40
CA THR A 95 -4.91 8.19 -5.50
C THR A 95 -3.63 8.89 -5.05
N ILE A 96 -2.53 8.54 -5.70
CA ILE A 96 -1.24 9.14 -5.45
C ILE A 96 -0.58 9.49 -6.78
N PRO A 97 -0.16 10.74 -6.98
CA PRO A 97 0.40 11.19 -8.27
C PRO A 97 1.76 10.58 -8.55
N ILE A 98 1.86 10.02 -9.73
CA ILE A 98 3.08 9.41 -10.19
C ILE A 98 3.88 10.35 -11.07
N HIS A 99 5.16 10.42 -10.78
CA HIS A 99 6.10 11.20 -11.58
C HIS A 99 7.30 10.33 -11.90
N GLY A 100 8.26 10.87 -12.61
CA GLY A 100 9.46 10.12 -12.89
C GLY A 100 10.43 10.91 -13.74
N ASP A 101 11.59 11.22 -13.17
CA ASP A 101 12.65 11.88 -13.90
C ASP A 101 13.49 10.83 -14.60
N ASN A 102 13.91 9.85 -13.82
CA ASN A 102 14.57 8.67 -14.34
C ASN A 102 13.95 7.42 -13.71
N PRO A 103 13.97 7.29 -12.36
CA PRO A 103 13.19 6.27 -11.67
C PRO A 103 11.76 6.74 -11.43
N LEU A 104 10.91 5.85 -10.95
CA LEU A 104 9.53 6.21 -10.67
C LEU A 104 9.43 7.05 -9.41
N GLU A 105 8.40 7.87 -9.36
CA GLU A 105 8.20 8.81 -8.27
C GLU A 105 6.78 8.69 -7.75
N VAL A 106 6.67 8.11 -6.58
CA VAL A 106 5.37 7.84 -5.99
C VAL A 106 5.11 8.80 -4.81
N LYS A 107 4.07 9.65 -4.98
CA LYS A 107 3.66 10.69 -4.02
C LYS A 107 4.78 11.66 -3.63
N ASN A 108 5.72 11.20 -2.84
CA ASN A 108 6.81 12.04 -2.36
C ASN A 108 8.02 11.17 -2.14
N ALA A 109 8.04 10.04 -2.84
CA ALA A 109 9.10 9.08 -2.73
C ALA A 109 9.69 8.77 -4.10
N THR A 110 10.85 8.12 -4.09
CA THR A 110 11.55 7.81 -5.31
C THR A 110 11.84 6.34 -5.35
N VAL A 111 11.56 5.74 -6.46
CA VAL A 111 11.82 4.32 -6.62
C VAL A 111 13.31 4.03 -6.81
N LEU A 112 13.79 3.07 -6.05
CA LEU A 112 15.15 2.56 -6.21
C LEU A 112 15.11 1.39 -7.17
N ALA A 113 14.15 0.51 -6.93
CA ALA A 113 13.98 -0.69 -7.72
C ALA A 113 12.51 -1.02 -7.84
N ALA A 114 11.97 -0.93 -9.02
CA ALA A 114 10.58 -1.23 -9.26
C ALA A 114 10.44 -2.06 -10.51
N ASP A 115 9.19 -2.29 -10.91
CA ASP A 115 8.88 -3.20 -11.99
C ASP A 115 9.22 -4.61 -11.55
N ILE A 116 9.13 -4.81 -10.25
CA ILE A 116 9.43 -6.07 -9.62
C ILE A 116 8.20 -6.94 -9.63
N GLU A 117 8.25 -8.02 -10.36
CA GLU A 117 7.16 -8.97 -10.37
C GLU A 117 7.04 -9.65 -9.02
N ALA A 118 6.03 -9.27 -8.27
CA ALA A 118 5.84 -9.78 -6.91
C ALA A 118 5.18 -11.13 -6.88
N GLU A 119 4.99 -11.65 -5.66
CA GLU A 119 4.29 -12.90 -5.43
C GLU A 119 2.97 -12.96 -6.20
N ASN A 120 2.18 -11.91 -6.08
CA ASN A 120 0.89 -11.86 -6.74
C ASN A 120 0.83 -10.72 -7.74
N GLY A 121 1.73 -9.75 -7.60
CA GLY A 121 1.65 -8.57 -8.45
C GLY A 121 3.00 -7.97 -8.77
N ILE A 122 3.23 -6.83 -8.17
CA ILE A 122 4.41 -6.02 -8.44
C ILE A 122 4.92 -5.36 -7.15
N ILE A 123 6.20 -5.07 -7.11
CA ILE A 123 6.80 -4.36 -5.99
C ILE A 123 7.61 -3.16 -6.47
N HIS A 124 7.64 -2.10 -5.67
CA HIS A 124 8.46 -0.93 -5.96
C HIS A 124 9.13 -0.45 -4.69
N VAL A 125 10.45 -0.48 -4.67
CA VAL A 125 11.22 0.02 -3.55
C VAL A 125 11.36 1.54 -3.65
N ILE A 126 11.02 2.26 -2.59
CA ILE A 126 11.07 3.72 -2.63
C ILE A 126 11.96 4.27 -1.54
N ASP A 127 12.44 5.47 -1.80
CA ASP A 127 13.47 6.09 -1.00
C ASP A 127 12.87 7.06 0.01
N THR A 128 11.59 6.90 0.26
CA THR A 128 10.90 7.77 1.18
C THR A 128 9.63 7.10 1.71
N VAL A 129 9.45 7.15 3.02
CA VAL A 129 8.22 6.74 3.64
C VAL A 129 7.23 7.91 3.60
N MET A 1 -12.57 -21.14 2.86
CA MET A 1 -11.46 -20.68 3.73
C MET A 1 -11.57 -19.17 3.94
N ALA A 2 -11.67 -18.77 5.19
CA ALA A 2 -11.78 -17.37 5.54
C ALA A 2 -10.51 -16.61 5.19
N THR A 3 -10.65 -15.62 4.31
CA THR A 3 -9.57 -14.74 3.95
C THR A 3 -9.05 -14.01 5.19
N ILE A 4 -7.74 -13.76 5.23
CA ILE A 4 -7.08 -13.16 6.41
C ILE A 4 -7.69 -11.81 6.82
N VAL A 5 -8.41 -11.18 5.91
CA VAL A 5 -9.09 -9.94 6.20
C VAL A 5 -10.51 -10.21 6.69
N ASP A 6 -11.14 -11.22 6.11
CA ASP A 6 -12.52 -11.58 6.43
C ASP A 6 -12.64 -11.87 7.91
N ILE A 7 -11.69 -12.65 8.39
CA ILE A 7 -11.64 -13.03 9.79
C ILE A 7 -11.60 -11.81 10.72
N ALA A 8 -11.19 -10.66 10.20
CA ALA A 8 -11.14 -9.44 11.01
C ALA A 8 -12.53 -9.08 11.53
N VAL A 9 -13.56 -9.35 10.73
CA VAL A 9 -14.94 -9.17 11.18
C VAL A 9 -15.38 -10.37 12.03
N ASN A 10 -14.73 -11.49 11.80
CA ASN A 10 -15.06 -12.75 12.46
C ASN A 10 -14.44 -12.82 13.86
N THR A 11 -13.36 -12.08 14.06
CA THR A 11 -12.62 -12.12 15.31
C THR A 11 -13.44 -11.64 16.49
N PRO A 12 -13.47 -12.41 17.58
CA PRO A 12 -14.14 -12.02 18.81
C PRO A 12 -13.30 -11.05 19.62
N GLY A 13 -13.15 -9.85 19.11
CA GLY A 13 -12.44 -8.81 19.84
C GLY A 13 -10.95 -9.01 19.82
N PHE A 14 -10.40 -9.29 18.64
CA PHE A 14 -8.94 -9.46 18.50
C PHE A 14 -8.21 -8.14 18.76
N SER A 15 -6.92 -8.14 18.45
CA SER A 15 -6.10 -6.94 18.54
C SER A 15 -6.61 -5.87 17.60
N THR A 16 -6.24 -4.62 17.87
CA THR A 16 -6.69 -3.48 17.07
C THR A 16 -6.25 -3.60 15.62
N LEU A 17 -5.27 -4.45 15.37
CA LEU A 17 -4.81 -4.73 14.01
C LEU A 17 -5.98 -5.11 13.11
N VAL A 18 -6.94 -5.86 13.65
CA VAL A 18 -8.07 -6.32 12.85
C VAL A 18 -9.09 -5.21 12.71
N THR A 19 -9.10 -4.33 13.69
CA THR A 19 -10.04 -3.25 13.69
C THR A 19 -9.55 -2.09 12.86
N ALA A 20 -8.23 -1.95 12.75
CA ALA A 20 -7.65 -0.87 11.96
C ALA A 20 -8.04 -0.97 10.49
N VAL A 21 -8.22 -2.19 9.99
CA VAL A 21 -8.77 -2.37 8.65
C VAL A 21 -10.29 -2.22 8.67
N LYS A 22 -10.92 -2.71 9.72
CA LYS A 22 -12.37 -2.63 9.88
C LYS A 22 -12.82 -1.17 9.93
N VAL A 23 -12.09 -0.37 10.69
CA VAL A 23 -12.40 1.04 10.88
C VAL A 23 -12.09 1.81 9.61
N ALA A 24 -11.03 1.40 8.95
CA ALA A 24 -10.60 2.01 7.71
C ALA A 24 -11.50 1.61 6.56
N ASN A 25 -12.40 0.66 6.85
CA ASN A 25 -13.37 0.13 5.91
C ASN A 25 -12.74 -0.74 4.82
N LEU A 26 -11.48 -1.09 4.99
CA LEU A 26 -10.79 -1.92 3.99
C LEU A 26 -11.00 -3.39 4.23
N VAL A 27 -11.91 -3.72 5.14
CA VAL A 27 -12.27 -5.11 5.40
C VAL A 27 -12.78 -5.74 4.12
N GLU A 28 -13.51 -4.96 3.34
CA GLU A 28 -14.01 -5.42 2.04
C GLU A 28 -12.97 -5.23 0.93
N ALA A 29 -12.02 -4.33 1.15
CA ALA A 29 -11.03 -4.01 0.14
C ALA A 29 -9.92 -5.07 0.06
N LEU A 30 -9.33 -5.38 1.22
CA LEU A 30 -8.25 -6.38 1.30
C LEU A 30 -8.70 -7.75 0.78
N GLN A 31 -10.00 -7.93 0.65
CA GLN A 31 -10.59 -9.20 0.22
C GLN A 31 -10.21 -9.56 -1.21
N SER A 32 -9.66 -8.59 -1.94
CA SER A 32 -9.29 -8.77 -3.33
C SER A 32 -8.34 -9.96 -3.52
N PRO A 33 -8.80 -11.02 -4.19
CA PRO A 33 -7.99 -12.21 -4.46
C PRO A 33 -7.06 -12.05 -5.65
N GLY A 34 -7.24 -10.96 -6.37
CA GLY A 34 -6.44 -10.68 -7.55
C GLY A 34 -4.99 -10.36 -7.26
N PRO A 35 -4.37 -9.46 -8.03
CA PRO A 35 -2.96 -9.14 -7.89
C PRO A 35 -2.68 -8.20 -6.73
N PHE A 36 -1.40 -8.03 -6.40
CA PHE A 36 -1.02 -7.18 -5.28
C PHE A 36 0.21 -6.35 -5.60
N THR A 37 0.07 -5.05 -5.52
CA THR A 37 1.17 -4.14 -5.76
C THR A 37 1.63 -3.50 -4.45
N VAL A 38 2.86 -3.79 -4.06
CA VAL A 38 3.41 -3.32 -2.80
C VAL A 38 4.48 -2.27 -3.04
N PHE A 39 4.29 -1.10 -2.43
CA PHE A 39 5.34 -0.09 -2.44
C PHE A 39 6.29 -0.42 -1.29
N ALA A 40 7.49 -0.85 -1.62
CA ALA A 40 8.43 -1.33 -0.62
C ALA A 40 9.41 -0.24 -0.20
N PRO A 41 9.46 0.08 1.09
CA PRO A 41 10.40 1.08 1.60
C PRO A 41 11.81 0.55 1.71
N ASN A 42 12.75 1.26 1.11
CA ASN A 42 14.16 0.91 1.17
C ASN A 42 14.73 1.26 2.55
N ASP A 43 15.99 0.98 2.80
CA ASP A 43 16.58 1.19 4.12
C ASP A 43 16.45 2.64 4.60
N ASP A 44 16.57 3.59 3.67
CA ASP A 44 16.53 5.00 4.04
C ASP A 44 15.09 5.42 4.23
N ALA A 45 14.20 4.63 3.66
CA ALA A 45 12.78 4.87 3.74
C ALA A 45 12.26 4.35 5.07
N PHE A 46 12.82 3.21 5.47
CA PHE A 46 12.55 2.65 6.78
C PHE A 46 13.03 3.61 7.86
N ALA A 47 13.93 4.49 7.43
CA ALA A 47 14.52 5.51 8.28
C ALA A 47 13.61 6.75 8.32
N LYS A 48 12.61 6.76 7.46
CA LYS A 48 11.61 7.84 7.43
C LYS A 48 10.47 7.50 8.37
N LEU A 49 10.31 6.21 8.61
CA LEU A 49 9.31 5.69 9.54
C LEU A 49 9.31 6.41 10.89
N PRO A 50 10.47 6.61 11.55
CA PRO A 50 10.55 7.32 12.84
C PRO A 50 10.12 8.78 12.73
N ASP A 51 9.96 9.28 11.51
CA ASP A 51 9.49 10.64 11.29
C ASP A 51 7.98 10.69 11.21
N GLY A 52 7.39 9.51 11.04
CA GLY A 52 5.95 9.37 11.08
C GLY A 52 5.25 9.72 9.78
N THR A 53 5.64 9.07 8.69
CA THR A 53 4.97 9.28 7.42
C THR A 53 3.55 8.72 7.49
N ILE A 54 3.45 7.44 7.81
CA ILE A 54 2.18 6.75 7.83
C ILE A 54 1.21 7.42 8.79
N THR A 55 1.77 8.12 9.76
CA THR A 55 0.97 8.90 10.69
C THR A 55 0.15 9.96 9.95
N SER A 56 0.70 10.53 8.90
CA SER A 56 -0.02 11.52 8.10
C SER A 56 -0.93 10.80 7.11
N LEU A 57 -0.55 9.59 6.80
CA LEU A 57 -1.28 8.74 5.89
C LEU A 57 -2.54 8.18 6.55
N VAL A 58 -2.51 8.07 7.88
CA VAL A 58 -3.69 7.63 8.62
C VAL A 58 -4.67 8.78 8.74
N GLN A 59 -4.13 10.00 8.78
CA GLN A 59 -4.94 11.19 8.84
C GLN A 59 -5.62 11.40 7.51
N ASN A 60 -4.96 10.86 6.50
CA ASN A 60 -5.41 10.81 5.14
C ASN A 60 -6.53 9.78 4.99
N PRO A 61 -7.24 9.79 3.84
CA PRO A 61 -8.30 8.82 3.51
C PRO A 61 -8.01 7.36 3.95
N PRO A 62 -9.05 6.48 3.88
CA PRO A 62 -9.06 5.07 4.37
C PRO A 62 -7.79 4.22 4.17
N GLN A 63 -6.82 4.74 3.41
CA GLN A 63 -5.55 4.06 3.11
C GLN A 63 -4.91 3.34 4.31
N LEU A 64 -5.33 3.69 5.52
CA LEU A 64 -4.85 3.04 6.72
C LEU A 64 -4.88 1.51 6.58
N GLY A 65 -6.04 0.99 6.18
CA GLY A 65 -6.22 -0.45 6.04
C GLY A 65 -5.18 -1.10 5.15
N ARG A 66 -4.74 -0.35 4.15
CA ARG A 66 -3.73 -0.81 3.22
C ARG A 66 -2.39 -0.91 3.94
N ILE A 67 -2.05 0.17 4.61
CA ILE A 67 -0.87 0.26 5.45
C ILE A 67 -0.71 -0.95 6.37
N LEU A 68 -1.78 -1.27 7.12
CA LEU A 68 -1.72 -2.29 8.16
C LEU A 68 -1.13 -3.61 7.69
N LYS A 69 -1.78 -4.24 6.72
CA LYS A 69 -1.48 -5.63 6.42
C LYS A 69 -0.24 -5.80 5.53
N TYR A 70 -0.29 -5.28 4.31
CA TYR A 70 0.83 -5.47 3.38
C TYR A 70 1.38 -4.15 2.83
N HIS A 71 0.75 -3.03 3.22
CA HIS A 71 1.04 -1.73 2.61
C HIS A 71 0.74 -1.80 1.11
N VAL A 72 -0.27 -2.58 0.76
CA VAL A 72 -0.45 -3.04 -0.61
C VAL A 72 -1.70 -2.46 -1.27
N VAL A 73 -1.66 -2.43 -2.60
CA VAL A 73 -2.83 -2.14 -3.40
C VAL A 73 -3.05 -3.27 -4.41
N ALA A 74 -4.26 -3.82 -4.42
CA ALA A 74 -4.61 -4.85 -5.39
C ALA A 74 -4.60 -4.29 -6.79
N GLY A 75 -4.12 -5.08 -7.73
CA GLY A 75 -3.98 -4.61 -9.07
C GLY A 75 -2.53 -4.48 -9.46
N ALA A 76 -2.03 -5.50 -10.13
CA ALA A 76 -0.65 -5.55 -10.57
C ALA A 76 -0.34 -4.42 -11.54
N TYR A 77 0.45 -3.48 -11.05
CA TYR A 77 0.91 -2.36 -11.88
C TYR A 77 2.43 -2.36 -11.94
N LYS A 78 3.00 -2.24 -13.13
CA LYS A 78 4.43 -2.03 -13.25
C LYS A 78 4.73 -0.55 -13.20
N ALA A 79 5.99 -0.17 -12.99
CA ALA A 79 6.34 1.23 -12.87
C ALA A 79 5.86 2.03 -14.09
N THR A 80 5.79 1.36 -15.22
CA THR A 80 5.39 1.97 -16.47
C THR A 80 3.88 2.25 -16.46
N ASP A 81 3.13 1.47 -15.68
CA ASP A 81 1.70 1.65 -15.57
C ASP A 81 1.41 2.84 -14.65
N LEU A 82 2.06 2.85 -13.50
CA LEU A 82 1.92 3.93 -12.53
C LEU A 82 2.28 5.30 -13.13
N LYS A 83 3.43 5.40 -13.75
CA LYS A 83 3.87 6.66 -14.34
C LYS A 83 2.96 7.07 -15.50
N ARG A 84 2.48 6.08 -16.25
CA ARG A 84 1.50 6.30 -17.30
C ARG A 84 0.32 7.08 -16.75
N MET A 85 -0.12 6.66 -15.58
CA MET A 85 -1.22 7.31 -14.88
C MET A 85 -0.80 8.65 -14.29
N GLY A 86 0.43 8.70 -13.78
CA GLY A 86 0.90 9.89 -13.10
C GLY A 86 0.39 9.97 -11.68
N ILE A 87 -0.26 8.90 -11.25
CA ILE A 87 -0.84 8.79 -9.94
C ILE A 87 -1.11 7.31 -9.70
N VAL A 88 -1.25 6.95 -8.45
CA VAL A 88 -1.54 5.59 -8.08
C VAL A 88 -2.71 5.55 -7.12
N THR A 89 -3.60 4.61 -7.31
CA THR A 89 -4.75 4.50 -6.43
C THR A 89 -4.69 3.20 -5.63
N SER A 90 -4.94 3.33 -4.35
CA SER A 90 -4.81 2.23 -3.42
C SER A 90 -6.08 1.37 -3.35
N LEU A 91 -6.04 0.32 -2.53
CA LEU A 91 -7.13 -0.66 -2.45
C LEU A 91 -8.47 0.01 -2.11
N GLU A 92 -8.42 0.99 -1.22
CA GLU A 92 -9.63 1.68 -0.80
C GLU A 92 -9.96 2.81 -1.78
N GLY A 93 -8.98 3.18 -2.59
CA GLY A 93 -9.17 4.25 -3.54
C GLY A 93 -8.32 5.48 -3.23
N SER A 94 -7.24 5.31 -2.48
CA SER A 94 -6.41 6.42 -2.11
C SER A 94 -5.35 6.69 -3.18
N THR A 95 -5.38 7.89 -3.73
CA THR A 95 -4.47 8.27 -4.80
C THR A 95 -3.19 8.97 -4.30
N ILE A 96 -2.08 8.59 -4.91
CA ILE A 96 -0.79 9.19 -4.64
C ILE A 96 -0.13 9.56 -5.98
N PRO A 97 0.30 10.81 -6.17
CA PRO A 97 0.82 11.26 -7.47
C PRO A 97 2.18 10.64 -7.81
N ILE A 98 2.26 10.18 -9.05
CA ILE A 98 3.49 9.63 -9.58
C ILE A 98 4.23 10.66 -10.42
N HIS A 99 5.53 10.70 -10.21
CA HIS A 99 6.44 11.51 -10.98
C HIS A 99 7.47 10.60 -11.63
N GLY A 100 8.38 11.15 -12.43
CA GLY A 100 9.43 10.31 -12.98
C GLY A 100 10.21 10.99 -14.09
N ASP A 101 11.44 11.35 -13.78
CA ASP A 101 12.32 11.93 -14.80
C ASP A 101 13.35 10.90 -15.24
N ASN A 102 13.87 10.15 -14.27
CA ASN A 102 14.79 9.06 -14.58
C ASN A 102 14.29 7.76 -13.92
N PRO A 103 14.24 7.68 -12.57
CA PRO A 103 13.55 6.57 -11.89
C PRO A 103 12.06 6.87 -11.76
N LEU A 104 11.30 5.90 -11.26
CA LEU A 104 9.92 6.16 -10.92
C LEU A 104 9.88 6.98 -9.65
N GLU A 105 8.83 7.76 -9.49
CA GLU A 105 8.74 8.68 -8.38
C GLU A 105 7.35 8.65 -7.81
N VAL A 106 7.27 8.35 -6.54
CA VAL A 106 5.99 8.19 -5.87
C VAL A 106 5.95 9.03 -4.62
N LYS A 107 4.94 9.91 -4.51
CA LYS A 107 4.81 10.86 -3.40
C LYS A 107 6.14 11.56 -3.12
N ASN A 108 6.55 11.62 -1.86
CA ASN A 108 7.82 12.23 -1.49
C ASN A 108 8.94 11.19 -1.55
N ALA A 109 8.75 10.17 -2.38
CA ALA A 109 9.68 9.06 -2.47
C ALA A 109 10.17 8.84 -3.90
N THR A 110 11.25 8.11 -4.02
CA THR A 110 11.87 7.81 -5.29
C THR A 110 12.05 6.31 -5.38
N VAL A 111 11.83 5.77 -6.54
CA VAL A 111 11.93 4.33 -6.72
C VAL A 111 13.35 3.88 -6.98
N LEU A 112 13.81 2.94 -6.16
CA LEU A 112 15.10 2.33 -6.33
C LEU A 112 14.97 1.13 -7.25
N ALA A 113 13.85 0.42 -7.12
CA ALA A 113 13.66 -0.80 -7.87
C ALA A 113 12.19 -1.14 -7.97
N ALA A 114 11.65 -1.06 -9.17
CA ALA A 114 10.26 -1.39 -9.39
C ALA A 114 10.14 -2.21 -10.65
N ASP A 115 8.89 -2.49 -11.03
CA ASP A 115 8.59 -3.41 -12.12
C ASP A 115 8.94 -4.80 -11.64
N ILE A 116 8.88 -4.97 -10.31
CA ILE A 116 9.20 -6.23 -9.69
C ILE A 116 7.95 -7.06 -9.56
N GLU A 117 7.80 -8.08 -10.37
CA GLU A 117 6.66 -8.95 -10.27
C GLU A 117 6.68 -9.78 -9.01
N ALA A 118 5.78 -9.41 -8.13
CA ALA A 118 5.67 -9.99 -6.81
C ALA A 118 4.86 -11.27 -6.83
N GLU A 119 4.68 -11.83 -5.64
CA GLU A 119 3.88 -13.04 -5.45
C GLU A 119 2.57 -12.98 -6.24
N ASN A 120 1.83 -11.90 -6.09
CA ASN A 120 0.56 -11.75 -6.77
C ASN A 120 0.55 -10.55 -7.71
N GLY A 121 1.53 -9.66 -7.58
CA GLY A 121 1.51 -8.45 -8.37
C GLY A 121 2.87 -7.89 -8.64
N ILE A 122 3.15 -6.76 -8.01
CA ILE A 122 4.39 -6.03 -8.23
C ILE A 122 4.88 -5.35 -6.94
N ILE A 123 6.19 -5.32 -6.78
CA ILE A 123 6.83 -4.63 -5.65
C ILE A 123 7.63 -3.44 -6.18
N HIS A 124 7.77 -2.41 -5.35
CA HIS A 124 8.48 -1.22 -5.78
C HIS A 124 9.20 -0.56 -4.64
N VAL A 125 10.48 -0.56 -4.73
CA VAL A 125 11.32 -0.05 -3.67
C VAL A 125 11.42 1.46 -3.75
N ILE A 126 11.13 2.13 -2.66
CA ILE A 126 11.20 3.58 -2.63
C ILE A 126 12.13 4.05 -1.56
N ASP A 127 12.55 5.28 -1.73
CA ASP A 127 13.61 5.86 -0.95
C ASP A 127 13.04 6.62 0.24
N THR A 128 11.73 6.58 0.35
CA THR A 128 11.03 7.30 1.39
C THR A 128 9.65 6.70 1.62
N VAL A 129 9.31 6.44 2.86
CA VAL A 129 7.97 6.02 3.19
C VAL A 129 7.03 7.19 2.97
N MET A 1 -16.18 -19.68 2.61
CA MET A 1 -14.84 -19.07 2.39
C MET A 1 -14.73 -17.73 3.10
N ALA A 2 -13.79 -17.63 4.02
CA ALA A 2 -13.55 -16.37 4.71
C ALA A 2 -12.14 -15.87 4.40
N THR A 3 -12.06 -14.82 3.61
CA THR A 3 -10.80 -14.19 3.29
C THR A 3 -10.12 -13.68 4.56
N ILE A 4 -8.79 -13.65 4.55
CA ILE A 4 -8.00 -13.25 5.71
C ILE A 4 -8.38 -11.88 6.26
N VAL A 5 -9.00 -11.06 5.43
CA VAL A 5 -9.51 -9.75 5.83
C VAL A 5 -10.95 -9.87 6.30
N ASP A 6 -11.69 -10.77 5.67
CA ASP A 6 -13.10 -11.00 5.99
C ASP A 6 -13.24 -11.33 7.46
N ILE A 7 -12.39 -12.25 7.88
CA ILE A 7 -12.32 -12.69 9.26
C ILE A 7 -12.12 -11.53 10.25
N ALA A 8 -11.59 -10.40 9.78
CA ALA A 8 -11.42 -9.24 10.65
C ALA A 8 -12.76 -8.79 11.22
N VAL A 9 -13.81 -8.90 10.42
CA VAL A 9 -15.17 -8.61 10.89
C VAL A 9 -15.73 -9.79 11.69
N ASN A 10 -15.07 -10.93 11.56
CA ASN A 10 -15.53 -12.17 12.17
C ASN A 10 -14.86 -12.40 13.52
N THR A 11 -13.69 -11.80 13.72
CA THR A 11 -12.88 -12.02 14.90
C THR A 11 -13.60 -11.64 16.19
N PRO A 12 -13.61 -12.53 17.19
CA PRO A 12 -14.18 -12.25 18.50
C PRO A 12 -13.25 -11.42 19.38
N GLY A 13 -12.98 -10.19 18.95
CA GLY A 13 -12.16 -9.30 19.74
C GLY A 13 -10.69 -9.55 19.57
N PHE A 14 -10.26 -9.72 18.32
CA PHE A 14 -8.84 -9.88 18.01
C PHE A 14 -8.06 -8.61 18.33
N SER A 15 -6.78 -8.61 18.01
CA SER A 15 -5.95 -7.42 18.14
C SER A 15 -6.53 -6.27 17.32
N THR A 16 -6.24 -5.04 17.73
CA THR A 16 -6.75 -3.85 17.08
C THR A 16 -6.35 -3.81 15.60
N LEU A 17 -5.33 -4.58 15.23
CA LEU A 17 -4.92 -4.70 13.84
C LEU A 17 -6.10 -5.07 12.93
N VAL A 18 -7.05 -5.84 13.44
CA VAL A 18 -8.20 -6.25 12.62
C VAL A 18 -9.20 -5.11 12.55
N THR A 19 -9.21 -4.30 13.59
CA THR A 19 -10.11 -3.18 13.64
C THR A 19 -9.55 -2.00 12.88
N ALA A 20 -8.23 -1.93 12.79
CA ALA A 20 -7.56 -0.85 12.09
C ALA A 20 -7.93 -0.84 10.61
N VAL A 21 -8.08 -2.01 10.00
CA VAL A 21 -8.59 -2.09 8.64
C VAL A 21 -10.12 -1.89 8.63
N LYS A 22 -10.79 -2.39 9.66
CA LYS A 22 -12.24 -2.25 9.79
C LYS A 22 -12.64 -0.78 9.89
N VAL A 23 -11.88 -0.04 10.68
CA VAL A 23 -12.14 1.36 10.92
C VAL A 23 -11.72 2.18 9.70
N ALA A 24 -10.67 1.73 9.06
CA ALA A 24 -10.15 2.37 7.86
C ALA A 24 -11.04 2.07 6.67
N ASN A 25 -11.99 1.17 6.88
CA ASN A 25 -12.98 0.76 5.89
C ASN A 25 -12.39 -0.12 4.78
N LEU A 26 -11.15 -0.57 4.95
CA LEU A 26 -10.51 -1.41 3.95
C LEU A 26 -10.86 -2.87 4.12
N VAL A 27 -11.77 -3.16 5.02
CA VAL A 27 -12.23 -4.53 5.22
C VAL A 27 -12.80 -5.09 3.93
N GLU A 28 -13.45 -4.24 3.17
CA GLU A 28 -13.99 -4.62 1.87
C GLU A 28 -12.95 -4.47 0.75
N ALA A 29 -11.90 -3.69 1.01
CA ALA A 29 -10.88 -3.41 0.02
C ALA A 29 -9.88 -4.55 -0.08
N LEU A 30 -9.28 -4.92 1.07
CA LEU A 30 -8.28 -6.00 1.13
C LEU A 30 -8.83 -7.33 0.58
N GLN A 31 -10.14 -7.40 0.41
CA GLN A 31 -10.82 -8.62 -0.03
C GLN A 31 -10.42 -9.02 -1.44
N SER A 32 -9.71 -8.14 -2.14
CA SER A 32 -9.24 -8.40 -3.49
C SER A 32 -8.30 -9.61 -3.54
N PRO A 33 -8.77 -10.71 -4.15
CA PRO A 33 -8.01 -11.96 -4.22
C PRO A 33 -6.98 -11.99 -5.34
N GLY A 34 -7.10 -11.05 -6.26
CA GLY A 34 -6.24 -11.02 -7.44
C GLY A 34 -4.81 -10.61 -7.15
N PRO A 35 -4.21 -9.77 -8.01
CA PRO A 35 -2.80 -9.40 -7.89
C PRO A 35 -2.53 -8.40 -6.77
N PHE A 36 -1.26 -8.27 -6.43
CA PHE A 36 -0.82 -7.52 -5.25
C PHE A 36 0.36 -6.63 -5.63
N THR A 37 0.22 -5.35 -5.35
CA THR A 37 1.23 -4.38 -5.68
C THR A 37 1.66 -3.61 -4.43
N VAL A 38 2.94 -3.69 -4.10
CA VAL A 38 3.41 -3.12 -2.86
C VAL A 38 4.45 -2.02 -3.11
N PHE A 39 4.52 -1.08 -2.19
CA PHE A 39 5.55 -0.06 -2.19
C PHE A 39 6.51 -0.34 -1.04
N ALA A 40 7.70 -0.81 -1.35
CA ALA A 40 8.64 -1.26 -0.34
C ALA A 40 9.69 -0.20 -0.02
N PRO A 41 9.65 0.36 1.19
CA PRO A 41 10.62 1.37 1.62
C PRO A 41 11.99 0.77 1.96
N ASN A 42 13.06 1.36 1.40
CA ASN A 42 14.41 0.86 1.64
C ASN A 42 14.94 1.38 2.97
N ASP A 43 16.21 1.09 3.25
CA ASP A 43 16.82 1.49 4.52
C ASP A 43 16.79 3.01 4.71
N ASP A 44 16.84 3.76 3.60
CA ASP A 44 16.90 5.21 3.69
C ASP A 44 15.52 5.76 3.90
N ALA A 45 14.54 4.93 3.57
CA ALA A 45 13.14 5.26 3.76
C ALA A 45 12.79 5.05 5.22
N PHE A 46 13.31 3.97 5.78
CA PHE A 46 13.20 3.73 7.20
C PHE A 46 13.93 4.81 7.98
N ALA A 47 14.90 5.40 7.30
CA ALA A 47 15.72 6.48 7.86
C ALA A 47 14.98 7.80 7.78
N LYS A 48 14.00 7.86 6.86
CA LYS A 48 13.13 9.01 6.76
C LYS A 48 12.37 9.18 8.03
N LEU A 49 11.89 8.04 8.51
CA LEU A 49 10.90 7.98 9.58
C LEU A 49 11.16 9.01 10.67
N PRO A 50 10.37 10.06 10.63
CA PRO A 50 10.45 11.18 11.56
C PRO A 50 9.73 10.87 12.87
N ASP A 51 8.42 11.03 12.85
CA ASP A 51 7.57 10.56 13.95
C ASP A 51 6.56 9.59 13.39
N GLY A 52 6.93 8.94 12.30
CA GLY A 52 6.05 8.03 11.63
C GLY A 52 5.22 8.73 10.56
N THR A 53 5.62 8.57 9.31
CA THR A 53 4.85 9.10 8.18
C THR A 53 3.46 8.49 8.18
N ILE A 54 3.44 7.18 8.31
CA ILE A 54 2.22 6.41 8.31
C ILE A 54 1.29 6.89 9.42
N THR A 55 1.88 7.48 10.44
CA THR A 55 1.13 8.06 11.54
C THR A 55 0.26 9.23 11.07
N SER A 56 0.75 9.99 10.10
CA SER A 56 -0.03 11.07 9.53
C SER A 56 -0.98 10.52 8.50
N LEU A 57 -0.61 9.37 7.96
CA LEU A 57 -1.41 8.66 6.98
C LEU A 57 -2.65 8.05 7.63
N VAL A 58 -2.53 7.68 8.90
CA VAL A 58 -3.68 7.15 9.63
C VAL A 58 -4.63 8.28 9.96
N GLN A 59 -4.08 9.47 10.17
CA GLN A 59 -4.87 10.64 10.46
C GLN A 59 -5.57 11.07 9.17
N ASN A 60 -4.87 10.77 8.09
CA ASN A 60 -5.29 10.99 6.74
C ASN A 60 -6.32 9.95 6.30
N PRO A 61 -6.96 10.15 5.13
CA PRO A 61 -7.91 9.20 4.53
C PRO A 61 -7.55 7.70 4.70
N PRO A 62 -8.52 6.80 4.38
CA PRO A 62 -8.52 5.34 4.67
C PRO A 62 -7.20 4.56 4.51
N GLN A 63 -6.17 5.14 3.91
CA GLN A 63 -4.91 4.44 3.59
C GLN A 63 -4.39 3.53 4.72
N LEU A 64 -4.76 3.85 5.96
CA LEU A 64 -4.35 3.05 7.12
C LEU A 64 -4.57 1.56 6.87
N GLY A 65 -5.77 1.23 6.40
CA GLY A 65 -6.18 -0.16 6.24
C GLY A 65 -5.16 -1.02 5.51
N ARG A 66 -4.56 -0.44 4.48
CA ARG A 66 -3.61 -1.17 3.67
C ARG A 66 -2.29 -1.30 4.41
N ILE A 67 -1.93 -0.24 5.12
CA ILE A 67 -0.69 -0.18 5.87
C ILE A 67 -0.57 -1.31 6.86
N LEU A 68 -1.65 -1.57 7.58
CA LEU A 68 -1.66 -2.60 8.63
C LEU A 68 -1.09 -3.92 8.16
N LYS A 69 -1.68 -4.50 7.12
CA LYS A 69 -1.35 -5.87 6.77
C LYS A 69 -0.10 -5.95 5.88
N TYR A 70 -0.17 -5.41 4.68
CA TYR A 70 0.95 -5.56 3.75
C TYR A 70 1.50 -4.25 3.19
N HIS A 71 0.75 -3.14 3.38
CA HIS A 71 1.13 -1.86 2.79
C HIS A 71 1.00 -1.96 1.27
N VAL A 72 -0.08 -2.62 0.85
CA VAL A 72 -0.23 -3.08 -0.53
C VAL A 72 -1.49 -2.51 -1.21
N VAL A 73 -1.48 -2.52 -2.53
CA VAL A 73 -2.64 -2.22 -3.34
C VAL A 73 -2.86 -3.33 -4.35
N ALA A 74 -4.07 -3.86 -4.40
CA ALA A 74 -4.41 -4.91 -5.35
C ALA A 74 -4.40 -4.38 -6.76
N GLY A 75 -3.90 -5.20 -7.66
CA GLY A 75 -3.79 -4.80 -9.03
C GLY A 75 -2.34 -4.68 -9.43
N ALA A 76 -1.83 -5.71 -10.07
CA ALA A 76 -0.45 -5.76 -10.50
C ALA A 76 -0.11 -4.62 -11.46
N TYR A 77 0.54 -3.60 -10.93
CA TYR A 77 0.98 -2.47 -11.76
C TYR A 77 2.49 -2.32 -11.74
N LYS A 78 3.12 -2.46 -12.90
CA LYS A 78 4.50 -2.15 -13.05
C LYS A 78 4.72 -0.65 -13.10
N ALA A 79 5.94 -0.21 -12.90
CA ALA A 79 6.23 1.23 -12.87
C ALA A 79 5.78 1.89 -14.16
N THR A 80 5.74 1.11 -15.23
CA THR A 80 5.36 1.62 -16.54
C THR A 80 3.87 1.95 -16.59
N ASP A 81 3.08 1.24 -15.78
CA ASP A 81 1.63 1.47 -15.75
C ASP A 81 1.34 2.70 -14.91
N LEU A 82 1.94 2.74 -13.73
CA LEU A 82 1.79 3.85 -12.82
C LEU A 82 2.18 5.17 -13.45
N LYS A 83 3.36 5.22 -14.03
CA LYS A 83 3.85 6.44 -14.65
C LYS A 83 3.03 6.79 -15.90
N ARG A 84 2.57 5.77 -16.61
CA ARG A 84 1.71 5.96 -17.76
C ARG A 84 0.51 6.80 -17.39
N MET A 85 -0.02 6.50 -16.22
CA MET A 85 -1.15 7.24 -15.67
C MET A 85 -0.68 8.55 -15.04
N GLY A 86 0.44 8.50 -14.33
CA GLY A 86 0.89 9.66 -13.58
C GLY A 86 0.23 9.74 -12.22
N ILE A 87 -0.44 8.66 -11.85
CA ILE A 87 -1.13 8.55 -10.58
C ILE A 87 -1.42 7.07 -10.33
N VAL A 88 -1.60 6.74 -9.08
CA VAL A 88 -1.87 5.38 -8.67
C VAL A 88 -3.06 5.33 -7.73
N THR A 89 -3.93 4.36 -7.89
CA THR A 89 -5.06 4.24 -6.98
C THR A 89 -4.88 3.07 -6.04
N SER A 90 -5.03 3.37 -4.78
CA SER A 90 -4.86 2.41 -3.70
C SER A 90 -6.02 1.43 -3.65
N LEU A 91 -5.86 0.33 -2.90
CA LEU A 91 -6.94 -0.64 -2.69
C LEU A 91 -8.15 0.07 -2.10
N GLU A 92 -7.85 1.03 -1.24
CA GLU A 92 -8.84 1.83 -0.54
C GLU A 92 -9.42 2.88 -1.48
N GLY A 93 -8.77 3.04 -2.61
CA GLY A 93 -9.23 3.98 -3.61
C GLY A 93 -8.50 5.30 -3.55
N SER A 94 -7.48 5.38 -2.71
CA SER A 94 -6.71 6.59 -2.59
C SER A 94 -5.73 6.74 -3.75
N THR A 95 -5.86 7.82 -4.51
CA THR A 95 -4.95 8.12 -5.59
C THR A 95 -3.71 8.89 -5.12
N ILE A 96 -2.55 8.44 -5.58
CA ILE A 96 -1.26 9.05 -5.28
C ILE A 96 -0.60 9.43 -6.61
N PRO A 97 -0.17 10.69 -6.78
CA PRO A 97 0.39 11.13 -8.05
C PRO A 97 1.77 10.58 -8.32
N ILE A 98 1.92 10.04 -9.50
CA ILE A 98 3.17 9.48 -9.95
C ILE A 98 3.97 10.50 -10.74
N HIS A 99 5.24 10.56 -10.41
CA HIS A 99 6.20 11.35 -11.14
C HIS A 99 7.32 10.42 -11.57
N GLY A 100 8.32 10.95 -12.25
CA GLY A 100 9.38 10.11 -12.75
C GLY A 100 10.21 10.78 -13.82
N ASP A 101 11.33 11.32 -13.41
CA ASP A 101 12.25 11.95 -14.35
C ASP A 101 13.25 10.92 -14.84
N ASN A 102 13.90 10.23 -13.91
CA ASN A 102 14.78 9.12 -14.25
C ASN A 102 14.26 7.82 -13.61
N PRO A 103 14.07 7.77 -12.27
CA PRO A 103 13.36 6.67 -11.62
C PRO A 103 11.86 6.99 -11.52
N LEU A 104 11.08 6.02 -11.05
CA LEU A 104 9.68 6.28 -10.76
C LEU A 104 9.61 7.10 -9.47
N GLU A 105 8.57 7.89 -9.33
CA GLU A 105 8.43 8.77 -8.19
C GLU A 105 7.01 8.72 -7.67
N VAL A 106 6.84 8.13 -6.51
CA VAL A 106 5.54 7.94 -5.93
C VAL A 106 5.34 8.96 -4.82
N LYS A 107 4.49 9.95 -5.10
CA LYS A 107 4.32 11.14 -4.24
C LYS A 107 5.64 11.70 -3.74
N ASN A 108 5.92 11.51 -2.46
CA ASN A 108 7.08 12.09 -1.82
C ASN A 108 8.28 11.17 -1.95
N ALA A 109 8.05 9.98 -2.47
CA ALA A 109 9.08 8.97 -2.50
C ALA A 109 9.63 8.73 -3.89
N THR A 110 10.77 8.03 -3.93
CA THR A 110 11.49 7.80 -5.15
C THR A 110 11.77 6.31 -5.26
N VAL A 111 11.53 5.76 -6.42
CA VAL A 111 11.70 4.33 -6.61
C VAL A 111 13.14 3.98 -6.96
N LEU A 112 13.68 2.99 -6.25
CA LEU A 112 14.99 2.45 -6.51
C LEU A 112 14.90 1.34 -7.53
N ALA A 113 13.94 0.46 -7.30
CA ALA A 113 13.74 -0.70 -8.16
C ALA A 113 12.26 -1.04 -8.22
N ALA A 114 11.69 -0.98 -9.41
CA ALA A 114 10.31 -1.31 -9.61
C ALA A 114 10.15 -2.16 -10.85
N ASP A 115 8.89 -2.43 -11.19
CA ASP A 115 8.55 -3.38 -12.25
C ASP A 115 8.95 -4.77 -11.80
N ILE A 116 8.94 -4.94 -10.48
CA ILE A 116 9.32 -6.17 -9.85
C ILE A 116 8.12 -7.09 -9.75
N GLU A 117 8.18 -8.20 -10.42
CA GLU A 117 7.10 -9.17 -10.34
C GLU A 117 7.03 -9.77 -8.94
N ALA A 118 6.00 -9.38 -8.21
CA ALA A 118 5.80 -9.86 -6.85
C ALA A 118 5.12 -11.23 -6.82
N GLU A 119 4.85 -11.71 -5.60
CA GLU A 119 4.14 -12.96 -5.39
C GLU A 119 2.88 -13.04 -6.25
N ASN A 120 2.02 -12.03 -6.15
CA ASN A 120 0.79 -12.00 -6.89
C ASN A 120 0.71 -10.82 -7.84
N GLY A 121 1.67 -9.90 -7.72
CA GLY A 121 1.62 -8.69 -8.54
C GLY A 121 2.97 -8.11 -8.81
N ILE A 122 3.19 -6.93 -8.25
CA ILE A 122 4.36 -6.14 -8.53
C ILE A 122 4.86 -5.42 -7.28
N ILE A 123 6.16 -5.23 -7.21
CA ILE A 123 6.80 -4.50 -6.11
C ILE A 123 7.53 -3.28 -6.62
N HIS A 124 7.57 -2.24 -5.81
CA HIS A 124 8.37 -1.06 -6.12
C HIS A 124 9.08 -0.60 -4.86
N VAL A 125 10.39 -0.60 -4.89
CA VAL A 125 11.20 -0.14 -3.78
C VAL A 125 11.33 1.37 -3.81
N ILE A 126 11.03 2.03 -2.71
CA ILE A 126 11.11 3.47 -2.64
C ILE A 126 12.07 3.91 -1.56
N ASP A 127 12.47 5.15 -1.66
CA ASP A 127 13.54 5.68 -0.85
C ASP A 127 12.98 6.64 0.19
N THR A 128 11.68 6.56 0.39
CA THR A 128 11.00 7.48 1.27
C THR A 128 9.70 6.89 1.79
N VAL A 129 9.51 6.96 3.10
CA VAL A 129 8.27 6.56 3.73
C VAL A 129 7.28 7.71 3.68
N MET A 1 -9.88 -20.68 2.86
CA MET A 1 -11.23 -20.14 2.63
C MET A 1 -11.34 -18.71 3.14
N ALA A 2 -10.85 -18.47 4.35
CA ALA A 2 -10.86 -17.15 4.95
C ALA A 2 -9.63 -16.36 4.53
N THR A 3 -9.85 -15.35 3.70
CA THR A 3 -8.77 -14.46 3.29
C THR A 3 -8.15 -13.78 4.52
N ILE A 4 -6.86 -13.46 4.44
CA ILE A 4 -6.15 -12.83 5.57
C ILE A 4 -6.98 -11.72 6.20
N VAL A 5 -7.52 -10.87 5.34
CA VAL A 5 -8.32 -9.73 5.75
C VAL A 5 -9.70 -10.17 6.27
N ASP A 6 -10.25 -11.21 5.66
CA ASP A 6 -11.54 -11.74 6.05
C ASP A 6 -11.52 -12.09 7.53
N ILE A 7 -10.45 -12.76 7.91
CA ILE A 7 -10.21 -13.14 9.29
C ILE A 7 -10.20 -11.93 10.23
N ALA A 8 -9.96 -10.73 9.71
CA ALA A 8 -10.02 -9.54 10.54
C ALA A 8 -11.41 -9.36 11.13
N VAL A 9 -12.43 -9.77 10.40
CA VAL A 9 -13.79 -9.80 10.92
C VAL A 9 -14.04 -11.13 11.64
N ASN A 10 -13.43 -12.17 11.11
CA ASN A 10 -13.60 -13.54 11.63
C ASN A 10 -13.01 -13.67 13.04
N THR A 11 -12.04 -12.82 13.35
CA THR A 11 -11.33 -12.89 14.62
C THR A 11 -12.26 -12.67 15.82
N PRO A 12 -12.09 -13.45 16.89
CA PRO A 12 -12.85 -13.26 18.12
C PRO A 12 -12.28 -12.15 18.99
N GLY A 13 -12.29 -10.93 18.46
CA GLY A 13 -11.81 -9.79 19.21
C GLY A 13 -10.30 -9.78 19.32
N PHE A 14 -9.64 -10.01 18.19
CA PHE A 14 -8.17 -10.01 18.14
C PHE A 14 -7.57 -8.63 18.43
N SER A 15 -6.28 -8.51 18.17
CA SER A 15 -5.56 -7.26 18.31
C SER A 15 -6.18 -6.18 17.42
N THR A 16 -5.91 -4.93 17.77
CA THR A 16 -6.44 -3.78 17.03
C THR A 16 -5.98 -3.80 15.58
N LEU A 17 -4.93 -4.56 15.31
CA LEU A 17 -4.42 -4.75 13.95
C LEU A 17 -5.55 -5.20 13.00
N VAL A 18 -6.48 -6.01 13.51
CA VAL A 18 -7.58 -6.48 12.67
C VAL A 18 -8.66 -5.41 12.60
N THR A 19 -8.73 -4.60 13.64
CA THR A 19 -9.74 -3.57 13.72
C THR A 19 -9.34 -2.36 12.91
N ALA A 20 -8.05 -2.13 12.77
CA ALA A 20 -7.53 -1.00 12.02
C ALA A 20 -7.93 -1.06 10.55
N VAL A 21 -7.98 -2.26 9.97
CA VAL A 21 -8.53 -2.40 8.62
C VAL A 21 -10.06 -2.38 8.67
N LYS A 22 -10.62 -2.95 9.73
CA LYS A 22 -12.08 -2.99 9.90
C LYS A 22 -12.66 -1.58 10.00
N VAL A 23 -11.99 -0.74 10.76
CA VAL A 23 -12.42 0.62 10.98
C VAL A 23 -12.17 1.45 9.73
N ALA A 24 -11.06 1.15 9.06
CA ALA A 24 -10.66 1.85 7.86
C ALA A 24 -11.52 1.45 6.68
N ASN A 25 -12.42 0.49 6.89
CA ASN A 25 -13.34 -0.02 5.88
C ASN A 25 -12.63 -0.82 4.78
N LEU A 26 -11.36 -1.12 4.98
CA LEU A 26 -10.62 -1.88 3.98
C LEU A 26 -10.76 -3.37 4.19
N VAL A 27 -11.63 -3.75 5.11
CA VAL A 27 -11.91 -5.15 5.35
C VAL A 27 -12.44 -5.80 4.08
N GLU A 28 -13.24 -5.03 3.35
CA GLU A 28 -13.75 -5.47 2.07
C GLU A 28 -12.76 -5.18 0.93
N ALA A 29 -11.87 -4.23 1.15
CA ALA A 29 -10.92 -3.80 0.12
C ALA A 29 -9.79 -4.82 -0.06
N LEU A 30 -9.10 -5.14 1.04
CA LEU A 30 -7.98 -6.09 1.03
C LEU A 30 -8.39 -7.49 0.51
N GLN A 31 -9.68 -7.70 0.34
CA GLN A 31 -10.23 -9.00 -0.07
C GLN A 31 -9.91 -9.32 -1.53
N SER A 32 -9.13 -8.44 -2.14
CA SER A 32 -8.76 -8.56 -3.55
C SER A 32 -8.27 -9.96 -3.91
N PRO A 33 -9.05 -10.69 -4.74
CA PRO A 33 -8.68 -12.00 -5.24
C PRO A 33 -7.72 -11.90 -6.42
N GLY A 34 -7.62 -10.69 -6.94
CA GLY A 34 -6.76 -10.44 -8.09
C GLY A 34 -5.30 -10.27 -7.73
N PRO A 35 -4.64 -9.25 -8.30
CA PRO A 35 -3.22 -9.02 -8.07
C PRO A 35 -2.95 -8.20 -6.81
N PHE A 36 -1.67 -8.11 -6.46
CA PHE A 36 -1.25 -7.45 -5.24
C PHE A 36 0.00 -6.64 -5.51
N THR A 37 -0.09 -5.36 -5.23
CA THR A 37 0.97 -4.45 -5.58
C THR A 37 1.41 -3.66 -4.35
N VAL A 38 2.66 -3.78 -3.97
CA VAL A 38 3.13 -3.20 -2.74
C VAL A 38 4.20 -2.15 -3.00
N PHE A 39 4.20 -1.11 -2.18
CA PHE A 39 5.30 -0.16 -2.18
C PHE A 39 6.28 -0.61 -1.10
N ALA A 40 7.43 -1.08 -1.52
CA ALA A 40 8.40 -1.64 -0.58
C ALA A 40 9.37 -0.58 -0.10
N PRO A 41 9.32 -0.20 1.18
CA PRO A 41 10.23 0.78 1.74
C PRO A 41 11.60 0.17 2.05
N ASN A 42 12.67 0.79 1.56
CA ASN A 42 14.02 0.27 1.82
C ASN A 42 14.49 0.69 3.20
N ASP A 43 15.72 0.37 3.53
CA ASP A 43 16.28 0.67 4.84
C ASP A 43 16.16 2.15 5.18
N ASP A 44 16.23 3.01 4.17
CA ASP A 44 16.25 4.45 4.40
C ASP A 44 14.84 4.95 4.58
N ALA A 45 13.91 4.19 4.03
CA ALA A 45 12.50 4.49 4.14
C ALA A 45 11.98 4.03 5.49
N PHE A 46 12.54 2.91 5.96
CA PHE A 46 12.28 2.43 7.31
C PHE A 46 12.76 3.47 8.31
N ALA A 47 13.68 4.28 7.83
CA ALA A 47 14.28 5.35 8.61
C ALA A 47 13.43 6.61 8.56
N LYS A 48 12.43 6.59 7.68
CA LYS A 48 11.48 7.68 7.56
C LYS A 48 10.29 7.44 8.48
N LEU A 49 10.06 6.15 8.75
CA LEU A 49 9.01 5.71 9.66
C LEU A 49 8.97 6.49 10.99
N PRO A 50 10.10 6.70 11.68
CA PRO A 50 10.12 7.43 12.95
C PRO A 50 9.70 8.89 12.78
N ASP A 51 9.79 9.42 11.57
CA ASP A 51 9.35 10.78 11.29
C ASP A 51 7.84 10.85 11.31
N GLY A 52 7.22 9.78 10.84
CA GLY A 52 5.77 9.66 10.91
C GLY A 52 5.08 10.07 9.63
N THR A 53 5.44 9.42 8.52
CA THR A 53 4.75 9.66 7.26
C THR A 53 3.33 9.12 7.34
N ILE A 54 3.23 7.83 7.62
CA ILE A 54 1.97 7.15 7.69
C ILE A 54 1.05 7.77 8.72
N THR A 55 1.63 8.43 9.69
CA THR A 55 0.88 9.17 10.67
C THR A 55 -0.04 10.20 10.02
N SER A 56 0.41 10.83 8.95
CA SER A 56 -0.41 11.79 8.24
C SER A 56 -1.35 11.06 7.30
N LEU A 57 -0.91 9.89 6.89
CA LEU A 57 -1.69 9.04 6.01
C LEU A 57 -2.86 8.41 6.75
N VAL A 58 -2.73 8.26 8.08
CA VAL A 58 -3.83 7.74 8.87
C VAL A 58 -4.85 8.83 9.12
N GLN A 59 -4.38 10.07 9.15
CA GLN A 59 -5.26 11.22 9.32
C GLN A 59 -6.05 11.42 8.04
N ASN A 60 -5.42 10.98 6.97
CA ASN A 60 -5.96 10.96 5.65
C ASN A 60 -7.06 9.91 5.51
N PRO A 61 -7.84 9.97 4.41
CA PRO A 61 -8.87 8.96 4.06
C PRO A 61 -8.46 7.50 4.36
N PRO A 62 -9.45 6.56 4.29
CA PRO A 62 -9.36 5.11 4.67
C PRO A 62 -8.04 4.34 4.43
N GLN A 63 -7.09 4.93 3.71
CA GLN A 63 -5.83 4.28 3.31
C GLN A 63 -5.16 3.45 4.42
N LEU A 64 -5.45 3.80 5.68
CA LEU A 64 -4.93 3.08 6.84
C LEU A 64 -5.00 1.56 6.68
N GLY A 65 -6.16 1.08 6.28
CA GLY A 65 -6.40 -0.36 6.16
C GLY A 65 -5.35 -1.09 5.35
N ARG A 66 -4.81 -0.40 4.36
CA ARG A 66 -3.83 -0.97 3.47
C ARG A 66 -2.50 -1.11 4.19
N ILE A 67 -2.24 -0.12 5.02
CA ILE A 67 -0.97 0.07 5.66
C ILE A 67 -0.66 -1.02 6.69
N LEU A 68 -1.65 -1.30 7.53
CA LEU A 68 -1.47 -2.24 8.64
C LEU A 68 -0.85 -3.56 8.20
N LYS A 69 -1.52 -4.25 7.29
CA LYS A 69 -1.17 -5.64 6.99
C LYS A 69 0.01 -5.74 6.02
N TYR A 70 -0.17 -5.24 4.80
CA TYR A 70 0.84 -5.47 3.76
C TYR A 70 1.40 -4.20 3.16
N HIS A 71 0.76 -3.05 3.40
CA HIS A 71 1.13 -1.79 2.76
C HIS A 71 0.86 -1.91 1.26
N VAL A 72 -0.23 -2.61 0.94
CA VAL A 72 -0.49 -3.08 -0.41
C VAL A 72 -1.66 -2.34 -1.07
N VAL A 73 -1.68 -2.42 -2.39
CA VAL A 73 -2.81 -2.03 -3.21
C VAL A 73 -3.02 -3.08 -4.28
N ALA A 74 -4.26 -3.52 -4.45
CA ALA A 74 -4.58 -4.49 -5.47
C ALA A 74 -4.49 -3.87 -6.84
N GLY A 75 -3.94 -4.62 -7.76
CA GLY A 75 -3.85 -4.13 -9.13
C GLY A 75 -2.41 -4.07 -9.60
N ALA A 76 -1.94 -5.18 -10.15
CA ALA A 76 -0.54 -5.37 -10.50
C ALA A 76 -0.03 -4.29 -11.42
N TYR A 77 0.63 -3.31 -10.84
CA TYR A 77 1.18 -2.22 -11.62
C TYR A 77 2.62 -2.50 -11.93
N LYS A 78 3.07 -2.04 -13.06
CA LYS A 78 4.48 -1.90 -13.29
C LYS A 78 4.81 -0.43 -13.34
N ALA A 79 6.04 -0.05 -13.00
CA ALA A 79 6.38 1.37 -12.81
C ALA A 79 5.93 2.23 -13.98
N THR A 80 5.92 1.62 -15.16
CA THR A 80 5.61 2.34 -16.39
C THR A 80 4.12 2.61 -16.50
N ASP A 81 3.32 1.79 -15.83
CA ASP A 81 1.86 1.95 -15.85
C ASP A 81 1.48 3.15 -15.00
N LEU A 82 1.99 3.16 -13.79
CA LEU A 82 1.76 4.21 -12.83
C LEU A 82 2.19 5.58 -13.34
N LYS A 83 3.41 5.67 -13.84
CA LYS A 83 3.94 6.94 -14.34
C LYS A 83 3.19 7.39 -15.59
N ARG A 84 2.76 6.42 -16.39
CA ARG A 84 1.92 6.69 -17.55
C ARG A 84 0.68 7.46 -17.14
N MET A 85 0.13 7.07 -16.02
CA MET A 85 -1.01 7.76 -15.43
C MET A 85 -0.57 9.03 -14.73
N GLY A 86 0.54 8.93 -14.00
CA GLY A 86 1.01 10.04 -13.20
C GLY A 86 0.41 10.02 -11.81
N ILE A 87 -0.23 8.92 -11.47
CA ILE A 87 -0.91 8.77 -10.21
C ILE A 87 -1.19 7.28 -9.98
N VAL A 88 -1.37 6.93 -8.73
CA VAL A 88 -1.69 5.57 -8.33
C VAL A 88 -2.86 5.57 -7.36
N THR A 89 -3.75 4.61 -7.46
CA THR A 89 -4.90 4.57 -6.58
C THR A 89 -4.79 3.44 -5.57
N SER A 90 -5.07 3.77 -4.32
CA SER A 90 -5.05 2.81 -3.23
C SER A 90 -6.16 1.78 -3.40
N LEU A 91 -6.06 0.68 -2.66
CA LEU A 91 -7.12 -0.31 -2.62
C LEU A 91 -8.42 0.35 -2.19
N GLU A 92 -8.29 1.34 -1.33
CA GLU A 92 -9.45 2.04 -0.79
C GLU A 92 -9.96 3.05 -1.81
N GLY A 93 -9.05 3.51 -2.64
CA GLY A 93 -9.38 4.50 -3.64
C GLY A 93 -8.60 5.80 -3.52
N SER A 94 -7.67 5.87 -2.57
CA SER A 94 -6.87 7.07 -2.42
C SER A 94 -5.75 7.14 -3.47
N THR A 95 -5.77 8.19 -4.27
CA THR A 95 -4.76 8.40 -5.29
C THR A 95 -3.50 9.10 -4.76
N ILE A 96 -2.36 8.66 -5.26
CA ILE A 96 -1.06 9.22 -4.94
C ILE A 96 -0.34 9.57 -6.23
N PRO A 97 0.16 10.81 -6.39
CA PRO A 97 0.74 11.26 -7.65
C PRO A 97 2.10 10.65 -7.94
N ILE A 98 2.21 10.14 -9.15
CA ILE A 98 3.43 9.55 -9.63
C ILE A 98 4.20 10.52 -10.51
N HIS A 99 5.51 10.49 -10.36
CA HIS A 99 6.42 11.29 -11.16
C HIS A 99 7.57 10.42 -11.63
N GLY A 100 8.49 10.97 -12.39
CA GLY A 100 9.66 10.20 -12.79
C GLY A 100 10.47 10.86 -13.87
N ASP A 101 11.67 11.32 -13.51
CA ASP A 101 12.59 11.88 -14.48
C ASP A 101 13.41 10.76 -15.09
N ASN A 102 13.93 9.91 -14.21
CA ASN A 102 14.68 8.73 -14.62
C ASN A 102 14.11 7.48 -13.92
N PRO A 103 14.04 7.46 -12.56
CA PRO A 103 13.35 6.39 -11.84
C PRO A 103 11.89 6.75 -11.62
N LEU A 104 11.12 5.81 -11.08
CA LEU A 104 9.75 6.11 -10.70
C LEU A 104 9.75 6.95 -9.42
N GLU A 105 8.70 7.72 -9.24
CA GLU A 105 8.62 8.65 -8.14
C GLU A 105 7.22 8.62 -7.56
N VAL A 106 7.14 8.27 -6.31
CA VAL A 106 5.86 8.05 -5.66
C VAL A 106 5.68 9.00 -4.47
N LYS A 107 4.80 10.02 -4.68
CA LYS A 107 4.51 11.11 -3.73
C LYS A 107 5.76 11.81 -3.18
N ASN A 108 6.42 11.20 -2.20
CA ASN A 108 7.52 11.83 -1.51
C ASN A 108 8.75 10.94 -1.59
N ALA A 109 8.58 9.83 -2.26
CA ALA A 109 9.58 8.80 -2.31
C ALA A 109 10.08 8.58 -3.72
N THR A 110 11.20 7.89 -3.83
CA THR A 110 11.84 7.63 -5.10
C THR A 110 12.03 6.13 -5.22
N VAL A 111 11.73 5.63 -6.37
CA VAL A 111 11.75 4.20 -6.60
C VAL A 111 13.15 3.69 -6.91
N LEU A 112 13.56 2.67 -6.17
CA LEU A 112 14.84 2.03 -6.37
C LEU A 112 14.68 0.85 -7.28
N ALA A 113 13.52 0.19 -7.21
CA ALA A 113 13.30 -1.01 -7.98
C ALA A 113 11.83 -1.33 -8.04
N ALA A 114 11.26 -1.30 -9.23
CA ALA A 114 9.90 -1.69 -9.43
C ALA A 114 9.80 -2.58 -10.65
N ASP A 115 8.57 -2.94 -11.00
CA ASP A 115 8.33 -3.98 -12.01
C ASP A 115 8.78 -5.31 -11.41
N ILE A 116 8.76 -5.36 -10.09
CA ILE A 116 9.12 -6.55 -9.36
C ILE A 116 7.92 -7.45 -9.27
N GLU A 117 7.94 -8.54 -9.98
CA GLU A 117 6.80 -9.45 -9.96
C GLU A 117 6.64 -10.11 -8.60
N ALA A 118 5.63 -9.66 -7.89
CA ALA A 118 5.31 -10.20 -6.58
C ALA A 118 4.55 -11.51 -6.67
N GLU A 119 4.13 -12.01 -5.52
CA GLU A 119 3.32 -13.21 -5.44
C GLU A 119 2.10 -13.12 -6.37
N ASN A 120 1.34 -12.05 -6.24
CA ASN A 120 0.15 -11.88 -7.07
C ASN A 120 0.25 -10.66 -7.97
N GLY A 121 1.22 -9.79 -7.72
CA GLY A 121 1.33 -8.57 -8.52
C GLY A 121 2.75 -8.10 -8.66
N ILE A 122 3.02 -6.98 -8.04
CA ILE A 122 4.29 -6.30 -8.19
C ILE A 122 4.73 -5.62 -6.90
N ILE A 123 6.03 -5.55 -6.74
CA ILE A 123 6.64 -4.87 -5.61
C ILE A 123 7.43 -3.67 -6.11
N HIS A 124 7.55 -2.64 -5.29
CA HIS A 124 8.23 -1.44 -5.70
C HIS A 124 8.93 -0.76 -4.56
N VAL A 125 10.23 -0.79 -4.65
CA VAL A 125 11.11 -0.30 -3.61
C VAL A 125 11.21 1.21 -3.65
N ILE A 126 11.01 1.85 -2.51
CA ILE A 126 11.14 3.29 -2.39
C ILE A 126 12.12 3.63 -1.30
N ASP A 127 12.58 4.86 -1.34
CA ASP A 127 13.60 5.32 -0.44
C ASP A 127 13.01 6.23 0.61
N THR A 128 11.70 6.18 0.71
CA THR A 128 10.96 7.01 1.64
C THR A 128 9.54 6.47 1.81
N VAL A 129 9.11 6.32 3.06
CA VAL A 129 7.76 5.90 3.34
C VAL A 129 6.79 7.04 3.04
N MET A 1 -11.93 -20.20 1.20
CA MET A 1 -12.03 -20.33 2.67
C MET A 1 -12.26 -18.96 3.31
N ALA A 2 -11.23 -18.13 3.32
CA ALA A 2 -11.32 -16.80 3.87
C ALA A 2 -10.06 -16.00 3.54
N THR A 3 -10.25 -14.88 2.87
CA THR A 3 -9.17 -13.93 2.62
C THR A 3 -8.68 -13.38 3.96
N ILE A 4 -7.38 -13.04 4.02
CA ILE A 4 -6.75 -12.56 5.26
C ILE A 4 -7.46 -11.35 5.85
N VAL A 5 -8.23 -10.65 5.02
CA VAL A 5 -9.01 -9.51 5.47
C VAL A 5 -10.43 -9.93 5.87
N ASP A 6 -10.97 -10.89 5.12
CA ASP A 6 -12.30 -11.43 5.38
C ASP A 6 -12.45 -11.83 6.83
N ILE A 7 -11.46 -12.56 7.29
CA ILE A 7 -11.44 -13.05 8.66
C ILE A 7 -11.48 -11.91 9.68
N ALA A 8 -11.08 -10.71 9.27
CA ALA A 8 -11.06 -9.57 10.19
C ALA A 8 -12.45 -9.25 10.73
N VAL A 9 -13.47 -9.44 9.89
CA VAL A 9 -14.85 -9.31 10.34
C VAL A 9 -15.29 -10.60 11.06
N ASN A 10 -14.65 -11.70 10.69
CA ASN A 10 -14.99 -13.02 11.22
C ASN A 10 -14.44 -13.21 12.64
N THR A 11 -13.38 -12.47 12.95
CA THR A 11 -12.66 -12.67 14.20
C THR A 11 -13.50 -12.30 15.42
N PRO A 12 -13.39 -13.12 16.47
CA PRO A 12 -14.15 -12.94 17.71
C PRO A 12 -13.48 -11.93 18.64
N GLY A 13 -13.30 -10.71 18.16
CA GLY A 13 -12.67 -9.70 18.95
C GLY A 13 -11.16 -9.83 18.96
N PHE A 14 -10.60 -10.11 17.78
CA PHE A 14 -9.15 -10.29 17.65
C PHE A 14 -8.36 -9.03 17.93
N SER A 15 -7.05 -9.17 17.79
CA SER A 15 -6.11 -8.07 17.94
C SER A 15 -6.47 -6.91 17.04
N THR A 16 -5.99 -5.73 17.39
CA THR A 16 -6.27 -4.51 16.67
C THR A 16 -5.81 -4.61 15.21
N LEU A 17 -4.93 -5.56 14.93
CA LEU A 17 -4.49 -5.82 13.57
C LEU A 17 -5.68 -6.05 12.63
N VAL A 18 -6.74 -6.69 13.14
CA VAL A 18 -7.93 -6.92 12.33
C VAL A 18 -8.81 -5.69 12.33
N THR A 19 -8.77 -4.97 13.43
CA THR A 19 -9.66 -3.87 13.64
C THR A 19 -9.17 -2.62 12.92
N ALA A 20 -7.85 -2.50 12.78
CA ALA A 20 -7.24 -1.35 12.12
C ALA A 20 -7.63 -1.25 10.64
N VAL A 21 -7.82 -2.39 9.99
CA VAL A 21 -8.36 -2.39 8.63
C VAL A 21 -9.88 -2.22 8.68
N LYS A 22 -10.49 -2.85 9.68
CA LYS A 22 -11.93 -2.80 9.89
C LYS A 22 -12.41 -1.37 10.13
N VAL A 23 -11.63 -0.63 10.89
CA VAL A 23 -11.95 0.77 11.20
C VAL A 23 -11.63 1.66 10.01
N ALA A 24 -10.55 1.31 9.32
CA ALA A 24 -10.08 2.07 8.17
C ALA A 24 -10.98 1.85 6.97
N ASN A 25 -11.92 0.92 7.12
CA ASN A 25 -12.91 0.60 6.11
C ASN A 25 -12.30 -0.17 4.93
N LEU A 26 -11.07 -0.63 5.09
CA LEU A 26 -10.40 -1.38 4.05
C LEU A 26 -10.69 -2.85 4.15
N VAL A 27 -11.60 -3.21 5.05
CA VAL A 27 -12.04 -4.58 5.19
C VAL A 27 -12.61 -5.09 3.88
N GLU A 28 -13.28 -4.21 3.16
CA GLU A 28 -13.81 -4.53 1.84
C GLU A 28 -12.76 -4.33 0.74
N ALA A 29 -11.75 -3.51 1.03
CA ALA A 29 -10.74 -3.17 0.04
C ALA A 29 -9.75 -4.31 -0.16
N LEU A 30 -9.15 -4.78 0.93
CA LEU A 30 -8.14 -5.85 0.90
C LEU A 30 -8.69 -7.15 0.32
N GLN A 31 -9.98 -7.16 0.08
CA GLN A 31 -10.70 -8.37 -0.38
C GLN A 31 -10.41 -8.71 -1.83
N SER A 32 -9.43 -8.04 -2.41
CA SER A 32 -9.00 -8.36 -3.76
C SER A 32 -7.84 -9.37 -3.70
N PRO A 33 -8.15 -10.67 -3.83
CA PRO A 33 -7.18 -11.75 -3.67
C PRO A 33 -6.31 -11.98 -4.88
N GLY A 34 -6.66 -11.31 -5.97
CA GLY A 34 -5.90 -11.41 -7.20
C GLY A 34 -4.51 -10.83 -7.10
N PRO A 35 -4.14 -9.87 -7.95
CA PRO A 35 -2.81 -9.32 -7.95
C PRO A 35 -2.61 -8.29 -6.83
N PHE A 36 -1.36 -8.14 -6.43
CA PHE A 36 -1.03 -7.41 -5.22
C PHE A 36 0.21 -6.56 -5.45
N THR A 37 0.06 -5.25 -5.25
CA THR A 37 1.10 -4.29 -5.56
C THR A 37 1.53 -3.52 -4.31
N VAL A 38 2.81 -3.56 -4.01
CA VAL A 38 3.32 -2.97 -2.77
C VAL A 38 4.37 -1.91 -3.03
N PHE A 39 4.31 -0.84 -2.24
CA PHE A 39 5.37 0.15 -2.21
C PHE A 39 6.25 -0.13 -1.00
N ALA A 40 7.50 -0.49 -1.25
CA ALA A 40 8.39 -0.91 -0.17
C ALA A 40 9.40 0.16 0.17
N PRO A 41 9.38 0.68 1.40
CA PRO A 41 10.35 1.68 1.84
C PRO A 41 11.74 1.08 2.02
N ASN A 42 12.72 1.67 1.34
CA ASN A 42 14.09 1.19 1.40
C ASN A 42 14.76 1.66 2.70
N ASP A 43 15.96 1.19 2.96
CA ASP A 43 16.73 1.54 4.16
C ASP A 43 16.66 3.03 4.45
N ASP A 44 16.86 3.80 3.40
CA ASP A 44 16.98 5.26 3.52
C ASP A 44 15.63 5.86 3.82
N ALA A 45 14.60 5.10 3.48
CA ALA A 45 13.23 5.50 3.72
C ALA A 45 12.89 5.26 5.19
N PHE A 46 13.40 4.16 5.72
CA PHE A 46 13.30 3.89 7.14
C PHE A 46 14.06 4.96 7.91
N ALA A 47 15.02 5.53 7.22
CA ALA A 47 15.86 6.59 7.77
C ALA A 47 15.13 7.93 7.70
N LYS A 48 14.17 8.01 6.78
CA LYS A 48 13.29 9.17 6.70
C LYS A 48 12.49 9.28 7.95
N LEU A 49 11.95 8.13 8.36
CA LEU A 49 10.92 8.05 9.39
C LEU A 49 11.06 9.11 10.46
N PRO A 50 10.23 10.12 10.33
CA PRO A 50 10.11 11.24 11.25
C PRO A 50 9.21 10.89 12.42
N ASP A 51 8.40 11.85 12.86
CA ASP A 51 7.37 11.57 13.86
C ASP A 51 6.45 10.47 13.35
N GLY A 52 6.27 10.45 12.03
CA GLY A 52 5.56 9.37 11.41
C GLY A 52 4.74 9.82 10.22
N THR A 53 5.22 9.51 9.02
CA THR A 53 4.44 9.74 7.82
C THR A 53 3.10 9.02 7.95
N ILE A 54 3.20 7.72 8.21
CA ILE A 54 2.03 6.88 8.33
C ILE A 54 1.17 7.30 9.50
N THR A 55 1.79 7.95 10.48
CA THR A 55 1.05 8.51 11.60
C THR A 55 0.17 9.66 11.15
N SER A 56 0.64 10.42 10.19
CA SER A 56 -0.14 11.52 9.64
C SER A 56 -1.16 10.96 8.66
N LEU A 57 -0.80 9.84 8.07
CA LEU A 57 -1.64 9.16 7.12
C LEU A 57 -2.78 8.41 7.80
N VAL A 58 -2.59 8.05 9.07
CA VAL A 58 -3.67 7.44 9.84
C VAL A 58 -4.66 8.51 10.26
N GLN A 59 -4.16 9.74 10.39
CA GLN A 59 -5.00 10.87 10.70
C GLN A 59 -5.80 11.24 9.47
N ASN A 60 -5.21 10.90 8.35
CA ASN A 60 -5.75 11.11 7.03
C ASN A 60 -6.70 9.98 6.64
N PRO A 61 -7.46 10.17 5.53
CA PRO A 61 -8.38 9.14 4.98
C PRO A 61 -7.86 7.68 5.03
N PRO A 62 -8.77 6.71 4.75
CA PRO A 62 -8.64 5.23 4.99
C PRO A 62 -7.28 4.53 4.85
N GLN A 63 -6.26 5.20 4.33
CA GLN A 63 -4.97 4.57 3.98
C GLN A 63 -4.43 3.61 5.03
N LEU A 64 -4.75 3.84 6.28
CA LEU A 64 -4.34 2.99 7.39
C LEU A 64 -4.49 1.51 7.08
N GLY A 65 -5.68 1.13 6.63
CA GLY A 65 -5.99 -0.28 6.37
C GLY A 65 -4.97 -0.97 5.50
N ARG A 66 -4.42 -0.23 4.56
CA ARG A 66 -3.44 -0.74 3.64
C ARG A 66 -2.10 -0.89 4.34
N ILE A 67 -1.80 0.09 5.18
CA ILE A 67 -0.53 0.18 5.86
C ILE A 67 -0.26 -0.98 6.79
N LEU A 68 -1.25 -1.33 7.60
CA LEU A 68 -1.10 -2.34 8.66
C LEU A 68 -0.39 -3.59 8.17
N LYS A 69 -0.98 -4.28 7.21
CA LYS A 69 -0.49 -5.59 6.83
C LYS A 69 0.58 -5.55 5.74
N TYR A 70 0.25 -5.05 4.56
CA TYR A 70 1.17 -5.19 3.42
C TYR A 70 1.58 -3.86 2.80
N HIS A 71 0.89 -2.77 3.15
CA HIS A 71 1.10 -1.47 2.51
C HIS A 71 0.81 -1.61 1.01
N VAL A 72 -0.22 -2.41 0.72
CA VAL A 72 -0.45 -2.91 -0.62
C VAL A 72 -1.64 -2.24 -1.30
N VAL A 73 -1.64 -2.34 -2.61
CA VAL A 73 -2.78 -1.99 -3.44
C VAL A 73 -2.99 -3.13 -4.44
N ALA A 74 -4.19 -3.67 -4.48
CA ALA A 74 -4.54 -4.72 -5.41
C ALA A 74 -4.55 -4.20 -6.81
N GLY A 75 -4.08 -5.02 -7.71
CA GLY A 75 -3.97 -4.63 -9.08
C GLY A 75 -2.53 -4.61 -9.50
N ALA A 76 -2.12 -5.65 -10.19
CA ALA A 76 -0.75 -5.79 -10.65
C ALA A 76 -0.37 -4.67 -11.61
N TYR A 77 0.37 -3.71 -11.10
CA TYR A 77 0.89 -2.62 -11.93
C TYR A 77 2.41 -2.60 -11.88
N LYS A 78 3.07 -2.69 -13.03
CA LYS A 78 4.50 -2.47 -13.06
C LYS A 78 4.71 -0.99 -13.04
N ALA A 79 5.89 -0.54 -12.64
CA ALA A 79 6.14 0.88 -12.44
C ALA A 79 5.65 1.68 -13.63
N THR A 80 5.82 1.10 -14.82
CA THR A 80 5.55 1.83 -16.07
C THR A 80 4.05 1.99 -16.29
N ASP A 81 3.25 1.12 -15.69
CA ASP A 81 1.80 1.21 -15.81
C ASP A 81 1.32 2.40 -15.00
N LEU A 82 1.92 2.57 -13.83
CA LEU A 82 1.65 3.70 -12.98
C LEU A 82 2.01 5.03 -13.64
N LYS A 83 3.22 5.13 -14.20
CA LYS A 83 3.66 6.31 -14.88
C LYS A 83 2.87 6.57 -16.15
N ARG A 84 2.38 5.51 -16.77
CA ARG A 84 1.49 5.61 -17.89
C ARG A 84 0.28 6.41 -17.50
N MET A 85 -0.08 6.25 -16.23
CA MET A 85 -1.13 7.04 -15.61
C MET A 85 -0.58 8.35 -15.05
N GLY A 86 0.58 8.29 -14.39
CA GLY A 86 1.10 9.45 -13.70
C GLY A 86 0.44 9.62 -12.35
N ILE A 87 -0.25 8.59 -11.92
CA ILE A 87 -0.95 8.54 -10.65
C ILE A 87 -1.28 7.09 -10.34
N VAL A 88 -1.52 6.81 -9.08
CA VAL A 88 -1.84 5.46 -8.63
C VAL A 88 -3.03 5.47 -7.70
N THR A 89 -3.93 4.51 -7.83
CA THR A 89 -5.07 4.45 -6.94
C THR A 89 -4.92 3.31 -5.97
N SER A 90 -5.10 3.63 -4.70
CA SER A 90 -4.96 2.67 -3.62
C SER A 90 -6.11 1.67 -3.62
N LEU A 91 -5.94 0.58 -2.86
CA LEU A 91 -6.99 -0.40 -2.64
C LEU A 91 -8.22 0.28 -2.05
N GLU A 92 -7.95 1.35 -1.29
CA GLU A 92 -8.99 2.13 -0.63
C GLU A 92 -9.67 3.04 -1.64
N GLY A 93 -8.93 3.32 -2.69
CA GLY A 93 -9.40 4.21 -3.74
C GLY A 93 -8.70 5.56 -3.71
N SER A 94 -7.64 5.66 -2.92
CA SER A 94 -6.92 6.90 -2.80
C SER A 94 -5.81 7.02 -3.86
N THR A 95 -5.89 8.07 -4.66
CA THR A 95 -4.92 8.32 -5.71
C THR A 95 -3.67 9.06 -5.21
N ILE A 96 -2.50 8.62 -5.68
CA ILE A 96 -1.23 9.23 -5.37
C ILE A 96 -0.49 9.51 -6.68
N PRO A 97 0.02 10.72 -6.89
CA PRO A 97 0.62 11.10 -8.17
C PRO A 97 1.98 10.45 -8.42
N ILE A 98 2.12 9.96 -9.63
CA ILE A 98 3.34 9.34 -10.08
C ILE A 98 4.20 10.31 -10.90
N HIS A 99 5.47 10.30 -10.59
CA HIS A 99 6.47 11.08 -11.29
C HIS A 99 7.60 10.16 -11.72
N GLY A 100 8.61 10.71 -12.36
CA GLY A 100 9.68 9.88 -12.88
C GLY A 100 10.50 10.57 -13.94
N ASP A 101 11.65 11.07 -13.54
CA ASP A 101 12.61 11.65 -14.47
C ASP A 101 13.43 10.53 -15.08
N ASN A 102 13.70 9.52 -14.27
CA ASN A 102 14.41 8.32 -14.71
C ASN A 102 13.84 7.09 -13.98
N PRO A 103 13.84 7.06 -12.63
CA PRO A 103 13.17 6.02 -11.87
C PRO A 103 11.70 6.36 -11.68
N LEU A 104 10.94 5.44 -11.11
CA LEU A 104 9.58 5.76 -10.74
C LEU A 104 9.61 6.67 -9.50
N GLU A 105 8.61 7.49 -9.36
CA GLU A 105 8.56 8.46 -8.27
C GLU A 105 7.12 8.56 -7.77
N VAL A 106 6.89 7.99 -6.61
CA VAL A 106 5.55 7.89 -6.06
C VAL A 106 5.38 8.82 -4.86
N LYS A 107 4.27 9.57 -4.86
CA LYS A 107 3.91 10.53 -3.78
C LYS A 107 5.02 11.56 -3.50
N ASN A 108 5.99 11.17 -2.72
CA ASN A 108 7.09 12.05 -2.34
C ASN A 108 8.35 11.22 -2.22
N ALA A 109 8.32 10.08 -2.90
CA ALA A 109 9.37 9.08 -2.78
C ALA A 109 9.94 8.71 -4.15
N THR A 110 11.10 8.09 -4.14
CA THR A 110 11.79 7.73 -5.34
C THR A 110 12.02 6.22 -5.36
N VAL A 111 11.69 5.61 -6.46
CA VAL A 111 11.85 4.18 -6.60
C VAL A 111 13.31 3.81 -6.89
N LEU A 112 13.81 2.89 -6.08
CA LEU A 112 15.14 2.33 -6.26
C LEU A 112 15.06 1.12 -7.17
N ALA A 113 14.01 0.35 -6.97
CA ALA A 113 13.78 -0.87 -7.73
C ALA A 113 12.30 -1.16 -7.80
N ALA A 114 11.75 -1.19 -9.00
CA ALA A 114 10.36 -1.48 -9.19
C ALA A 114 10.16 -2.40 -10.36
N ASP A 115 8.90 -2.64 -10.70
CA ASP A 115 8.54 -3.60 -11.73
C ASP A 115 8.92 -4.99 -11.22
N ILE A 116 8.92 -5.09 -9.90
CA ILE A 116 9.29 -6.30 -9.19
C ILE A 116 8.08 -7.20 -9.09
N GLU A 117 8.14 -8.34 -9.73
CA GLU A 117 7.04 -9.29 -9.66
C GLU A 117 6.90 -9.83 -8.25
N ALA A 118 5.84 -9.41 -7.59
CA ALA A 118 5.54 -9.88 -6.24
C ALA A 118 4.90 -11.26 -6.28
N GLU A 119 4.44 -11.72 -5.12
CA GLU A 119 3.72 -12.99 -5.04
C GLU A 119 2.56 -13.02 -6.03
N ASN A 120 1.71 -12.00 -6.00
CA ASN A 120 0.56 -11.94 -6.88
C ASN A 120 0.60 -10.70 -7.77
N GLY A 121 1.51 -9.78 -7.49
CA GLY A 121 1.52 -8.54 -8.26
C GLY A 121 2.91 -8.00 -8.47
N ILE A 122 3.13 -6.82 -7.96
CA ILE A 122 4.36 -6.07 -8.21
C ILE A 122 4.76 -5.24 -6.99
N ILE A 123 6.06 -5.09 -6.81
CA ILE A 123 6.62 -4.30 -5.73
C ILE A 123 7.45 -3.15 -6.27
N HIS A 124 7.43 -2.02 -5.57
CA HIS A 124 8.27 -0.89 -5.92
C HIS A 124 8.97 -0.35 -4.68
N VAL A 125 10.28 -0.43 -4.66
CA VAL A 125 11.08 0.05 -3.54
C VAL A 125 11.27 1.56 -3.64
N ILE A 126 10.97 2.30 -2.58
CA ILE A 126 11.08 3.75 -2.60
C ILE A 126 11.94 4.24 -1.45
N ASP A 127 12.43 5.46 -1.61
CA ASP A 127 13.39 6.03 -0.69
C ASP A 127 12.73 6.93 0.34
N THR A 128 11.41 6.92 0.37
CA THR A 128 10.69 7.83 1.22
C THR A 128 9.40 7.19 1.73
N VAL A 129 9.22 7.27 3.04
CA VAL A 129 7.99 6.86 3.68
C VAL A 129 6.94 7.97 3.50
N MET A 1 -13.49 -20.28 1.69
CA MET A 1 -12.07 -20.03 2.01
C MET A 1 -11.90 -18.63 2.60
N ALA A 2 -11.47 -18.58 3.86
CA ALA A 2 -11.31 -17.31 4.55
C ALA A 2 -10.06 -16.59 4.09
N THR A 3 -10.25 -15.42 3.51
CA THR A 3 -9.15 -14.55 3.16
C THR A 3 -8.47 -14.03 4.43
N ILE A 4 -7.18 -13.71 4.36
CA ILE A 4 -6.46 -13.19 5.54
C ILE A 4 -7.24 -12.05 6.18
N VAL A 5 -7.78 -11.19 5.33
CA VAL A 5 -8.56 -10.05 5.77
C VAL A 5 -9.96 -10.47 6.23
N ASP A 6 -10.51 -11.47 5.55
CA ASP A 6 -11.82 -12.01 5.91
C ASP A 6 -11.86 -12.39 7.37
N ILE A 7 -10.83 -13.10 7.77
CA ILE A 7 -10.66 -13.53 9.15
C ILE A 7 -10.66 -12.34 10.13
N ALA A 8 -10.35 -11.15 9.65
CA ALA A 8 -10.37 -9.96 10.51
C ALA A 8 -11.79 -9.69 11.00
N VAL A 9 -12.77 -9.89 10.13
CA VAL A 9 -14.18 -9.80 10.51
C VAL A 9 -14.57 -10.99 11.40
N ASN A 10 -13.75 -12.03 11.33
CA ASN A 10 -14.02 -13.29 12.01
C ASN A 10 -13.33 -13.36 13.37
N THR A 11 -12.23 -12.62 13.50
CA THR A 11 -11.41 -12.68 14.70
C THR A 11 -12.19 -12.31 15.95
N PRO A 12 -12.11 -13.13 17.00
CA PRO A 12 -12.76 -12.85 18.28
C PRO A 12 -12.00 -11.81 19.10
N GLY A 13 -11.96 -10.59 18.58
CA GLY A 13 -11.31 -9.52 19.29
C GLY A 13 -9.80 -9.63 19.25
N PHE A 14 -9.27 -9.87 18.06
CA PHE A 14 -7.82 -9.95 17.87
C PHE A 14 -7.14 -8.62 18.17
N SER A 15 -5.84 -8.56 17.91
CA SER A 15 -5.07 -7.33 18.07
C SER A 15 -5.67 -6.22 17.22
N THR A 16 -5.38 -4.98 17.61
CA THR A 16 -5.91 -3.79 16.95
C THR A 16 -5.49 -3.75 15.48
N LEU A 17 -4.45 -4.51 15.14
CA LEU A 17 -4.02 -4.64 13.75
C LEU A 17 -5.17 -5.06 12.84
N VAL A 18 -6.08 -5.89 13.36
CA VAL A 18 -7.21 -6.33 12.55
C VAL A 18 -8.26 -5.25 12.53
N THR A 19 -8.43 -4.61 13.68
CA THR A 19 -9.46 -3.61 13.84
C THR A 19 -9.13 -2.37 13.04
N ALA A 20 -7.85 -2.15 12.80
CA ALA A 20 -7.38 -0.98 12.06
C ALA A 20 -7.82 -1.00 10.59
N VAL A 21 -7.83 -2.17 9.97
CA VAL A 21 -8.39 -2.29 8.62
C VAL A 21 -9.92 -2.34 8.70
N LYS A 22 -10.40 -3.00 9.74
CA LYS A 22 -11.80 -3.15 10.03
C LYS A 22 -12.49 -1.80 10.22
N VAL A 23 -11.80 -0.91 10.89
CA VAL A 23 -12.30 0.44 11.12
C VAL A 23 -12.11 1.29 9.87
N ALA A 24 -10.99 1.05 9.19
CA ALA A 24 -10.63 1.81 8.01
C ALA A 24 -11.50 1.47 6.81
N ASN A 25 -12.41 0.52 7.00
CA ASN A 25 -13.34 0.07 5.97
C ASN A 25 -12.63 -0.70 4.85
N LEU A 26 -11.36 -1.02 5.04
CA LEU A 26 -10.61 -1.76 4.03
C LEU A 26 -10.74 -3.25 4.21
N VAL A 27 -11.59 -3.65 5.15
CA VAL A 27 -11.88 -5.06 5.36
C VAL A 27 -12.41 -5.68 4.07
N GLU A 28 -13.20 -4.91 3.35
CA GLU A 28 -13.71 -5.35 2.07
C GLU A 28 -12.72 -5.08 0.93
N ALA A 29 -11.82 -4.13 1.15
CA ALA A 29 -10.85 -3.74 0.13
C ALA A 29 -9.77 -4.80 -0.06
N LEU A 30 -9.11 -5.16 1.05
CA LEU A 30 -8.03 -6.17 1.05
C LEU A 30 -8.50 -7.52 0.48
N GLN A 31 -9.81 -7.70 0.38
CA GLN A 31 -10.40 -8.95 -0.10
C GLN A 31 -10.12 -9.19 -1.58
N SER A 32 -9.46 -8.23 -2.21
CA SER A 32 -9.13 -8.31 -3.63
C SER A 32 -8.48 -9.65 -3.98
N PRO A 33 -9.16 -10.46 -4.82
CA PRO A 33 -8.68 -11.78 -5.19
C PRO A 33 -7.60 -11.76 -6.27
N GLY A 34 -7.52 -10.64 -6.97
CA GLY A 34 -6.61 -10.52 -8.09
C GLY A 34 -5.17 -10.28 -7.67
N PRO A 35 -4.48 -9.35 -8.34
CA PRO A 35 -3.06 -9.09 -8.12
C PRO A 35 -2.83 -8.10 -6.97
N PHE A 36 -1.58 -8.02 -6.53
CA PHE A 36 -1.21 -7.16 -5.41
C PHE A 36 0.05 -6.37 -5.72
N THR A 37 -0.06 -5.06 -5.65
CA THR A 37 1.06 -4.16 -5.88
C THR A 37 1.57 -3.60 -4.56
N VAL A 38 2.70 -4.12 -4.11
CA VAL A 38 3.26 -3.72 -2.84
C VAL A 38 4.30 -2.63 -3.02
N PHE A 39 4.09 -1.52 -2.36
CA PHE A 39 5.12 -0.50 -2.26
C PHE A 39 6.01 -0.85 -1.08
N ALA A 40 7.22 -1.29 -1.36
CA ALA A 40 8.09 -1.86 -0.34
C ALA A 40 9.03 -0.80 0.22
N PRO A 41 9.08 -0.67 1.55
CA PRO A 41 9.92 0.33 2.20
C PRO A 41 11.38 -0.11 2.28
N ASN A 42 12.27 0.75 1.79
CA ASN A 42 13.70 0.50 1.90
C ASN A 42 14.16 0.86 3.32
N ASP A 43 15.42 0.67 3.65
CA ASP A 43 15.91 0.89 5.02
C ASP A 43 15.62 2.32 5.52
N ASP A 44 15.64 3.29 4.61
CA ASP A 44 15.44 4.69 4.97
C ASP A 44 13.97 4.98 5.06
N ALA A 45 13.19 4.12 4.42
CA ALA A 45 11.75 4.20 4.47
C ALA A 45 11.25 3.50 5.73
N PHE A 46 11.92 2.42 6.09
CA PHE A 46 11.68 1.73 7.36
C PHE A 46 11.90 2.72 8.50
N ALA A 47 12.65 3.77 8.18
CA ALA A 47 12.96 4.84 9.10
C ALA A 47 11.83 5.88 9.15
N LYS A 48 10.87 5.73 8.23
CA LYS A 48 9.69 6.60 8.18
C LYS A 48 8.55 5.97 8.95
N LEU A 49 8.60 4.65 9.05
CA LEU A 49 7.60 3.87 9.78
C LEU A 49 7.35 4.37 11.21
N PRO A 50 8.39 4.61 12.03
CA PRO A 50 8.21 5.04 13.42
C PRO A 50 7.63 6.45 13.53
N ASP A 51 6.30 6.54 13.40
CA ASP A 51 5.55 7.80 13.51
C ASP A 51 6.17 8.89 12.64
N GLY A 52 6.16 8.66 11.34
CA GLY A 52 6.70 9.63 10.42
C GLY A 52 5.72 10.02 9.34
N THR A 53 5.73 9.29 8.25
CA THR A 53 4.93 9.62 7.09
C THR A 53 3.51 9.12 7.24
N ILE A 54 3.41 7.82 7.54
CA ILE A 54 2.13 7.15 7.64
C ILE A 54 1.25 7.80 8.69
N THR A 55 1.88 8.47 9.62
CA THR A 55 1.16 9.22 10.63
C THR A 55 0.24 10.26 10.01
N SER A 56 0.65 10.86 8.91
CA SER A 56 -0.16 11.84 8.23
C SER A 56 -1.14 11.12 7.33
N LEU A 57 -0.75 9.92 6.93
CA LEU A 57 -1.56 9.08 6.07
C LEU A 57 -2.74 8.50 6.84
N VAL A 58 -2.58 8.35 8.16
CA VAL A 58 -3.67 7.85 8.99
C VAL A 58 -4.65 8.97 9.27
N GLN A 59 -4.14 10.19 9.30
CA GLN A 59 -4.97 11.36 9.49
C GLN A 59 -5.79 11.57 8.22
N ASN A 60 -5.21 11.10 7.14
CA ASN A 60 -5.76 11.11 5.82
C ASN A 60 -6.73 9.95 5.63
N PRO A 61 -7.52 9.95 4.53
CA PRO A 61 -8.52 8.91 4.19
C PRO A 61 -8.11 7.45 4.51
N PRO A 62 -9.11 6.51 4.43
CA PRO A 62 -9.04 5.08 4.84
C PRO A 62 -7.76 4.30 4.53
N GLN A 63 -6.85 4.84 3.74
CA GLN A 63 -5.59 4.18 3.36
C GLN A 63 -4.88 3.49 4.54
N LEU A 64 -5.22 3.86 5.76
CA LEU A 64 -4.73 3.19 6.95
C LEU A 64 -4.79 1.67 6.79
N GLY A 65 -5.95 1.18 6.37
CA GLY A 65 -6.18 -0.25 6.22
C GLY A 65 -5.14 -0.94 5.36
N ARG A 66 -4.59 -0.21 4.42
CA ARG A 66 -3.57 -0.74 3.54
C ARG A 66 -2.23 -0.75 4.25
N ILE A 67 -1.99 0.31 5.00
CA ILE A 67 -0.75 0.50 5.72
C ILE A 67 -0.46 -0.62 6.71
N LEU A 68 -1.48 -1.00 7.47
CA LEU A 68 -1.32 -2.01 8.53
C LEU A 68 -0.64 -3.27 8.03
N LYS A 69 -1.24 -3.94 7.07
CA LYS A 69 -0.83 -5.28 6.72
C LYS A 69 0.34 -5.32 5.74
N TYR A 70 0.13 -4.81 4.53
CA TYR A 70 1.16 -4.97 3.50
C TYR A 70 1.61 -3.66 2.88
N HIS A 71 0.85 -2.58 3.07
CA HIS A 71 1.13 -1.30 2.43
C HIS A 71 0.93 -1.46 0.91
N VAL A 72 -0.07 -2.29 0.57
CA VAL A 72 -0.26 -2.80 -0.78
C VAL A 72 -1.53 -2.22 -1.43
N VAL A 73 -1.56 -2.28 -2.74
CA VAL A 73 -2.75 -1.96 -3.51
C VAL A 73 -3.00 -3.04 -4.56
N ALA A 74 -4.22 -3.53 -4.65
CA ALA A 74 -4.58 -4.56 -5.63
C ALA A 74 -4.46 -4.05 -7.03
N GLY A 75 -4.05 -4.94 -7.92
CA GLY A 75 -3.84 -4.58 -9.30
C GLY A 75 -2.37 -4.43 -9.62
N ALA A 76 -1.81 -5.46 -10.21
CA ALA A 76 -0.42 -5.50 -10.62
C ALA A 76 -0.09 -4.36 -11.57
N TYR A 77 0.69 -3.43 -11.07
CA TYR A 77 1.13 -2.30 -11.87
C TYR A 77 2.66 -2.23 -11.99
N LYS A 78 3.19 -2.50 -13.17
CA LYS A 78 4.58 -2.25 -13.46
C LYS A 78 4.84 -0.76 -13.44
N ALA A 79 6.09 -0.35 -13.30
CA ALA A 79 6.42 1.06 -13.14
C ALA A 79 5.87 1.90 -14.30
N THR A 80 5.66 1.25 -15.42
CA THR A 80 5.25 1.93 -16.63
C THR A 80 3.77 2.27 -16.57
N ASP A 81 2.97 1.44 -15.88
CA ASP A 81 1.53 1.68 -15.76
C ASP A 81 1.28 2.90 -14.89
N LEU A 82 1.96 2.93 -13.76
CA LEU A 82 1.85 4.03 -12.81
C LEU A 82 2.20 5.37 -13.42
N LYS A 83 3.37 5.43 -14.01
CA LYS A 83 3.87 6.68 -14.57
C LYS A 83 3.06 7.10 -15.79
N ARG A 84 2.57 6.11 -16.53
CA ARG A 84 1.66 6.33 -17.65
C ARG A 84 0.50 7.22 -17.22
N MET A 85 -0.04 6.88 -16.06
CA MET A 85 -1.13 7.64 -15.48
C MET A 85 -0.63 8.89 -14.76
N GLY A 86 0.49 8.74 -14.08
CA GLY A 86 1.02 9.83 -13.27
C GLY A 86 0.36 9.89 -11.92
N ILE A 87 -0.36 8.84 -11.58
CA ILE A 87 -1.05 8.71 -10.32
C ILE A 87 -1.40 7.24 -10.10
N VAL A 88 -1.60 6.89 -8.85
CA VAL A 88 -1.95 5.54 -8.47
C VAL A 88 -3.11 5.56 -7.48
N THR A 89 -4.00 4.60 -7.56
CA THR A 89 -5.10 4.54 -6.63
C THR A 89 -4.91 3.42 -5.63
N SER A 90 -5.15 3.74 -4.37
CA SER A 90 -5.03 2.78 -3.28
C SER A 90 -6.18 1.78 -3.31
N LEU A 91 -6.01 0.66 -2.62
CA LEU A 91 -7.06 -0.35 -2.53
C LEU A 91 -8.37 0.28 -2.07
N GLU A 92 -8.24 1.23 -1.16
CA GLU A 92 -9.40 1.93 -0.61
C GLU A 92 -9.96 2.93 -1.61
N GLY A 93 -9.08 3.41 -2.48
CA GLY A 93 -9.46 4.40 -3.47
C GLY A 93 -8.68 5.70 -3.39
N SER A 94 -7.67 5.75 -2.52
CA SER A 94 -6.87 6.96 -2.38
C SER A 94 -5.81 7.05 -3.49
N THR A 95 -5.87 8.12 -4.26
CA THR A 95 -4.89 8.37 -5.32
C THR A 95 -3.61 9.02 -4.78
N ILE A 96 -2.49 8.56 -5.31
CA ILE A 96 -1.17 9.10 -5.01
C ILE A 96 -0.46 9.43 -6.31
N PRO A 97 0.06 10.67 -6.46
CA PRO A 97 0.64 11.11 -7.72
C PRO A 97 1.99 10.47 -8.02
N ILE A 98 2.11 9.99 -9.24
CA ILE A 98 3.33 9.39 -9.71
C ILE A 98 4.19 10.40 -10.47
N HIS A 99 5.46 10.35 -10.18
CA HIS A 99 6.45 11.17 -10.85
C HIS A 99 7.56 10.25 -11.35
N GLY A 100 8.55 10.80 -12.03
CA GLY A 100 9.65 9.97 -12.47
C GLY A 100 10.51 10.62 -13.52
N ASP A 101 11.75 10.89 -13.18
CA ASP A 101 12.72 11.39 -14.15
C ASP A 101 13.65 10.27 -14.55
N ASN A 102 14.25 9.63 -13.56
CA ASN A 102 15.08 8.46 -13.79
C ASN A 102 14.45 7.22 -13.15
N PRO A 103 14.24 7.20 -11.81
CA PRO A 103 13.50 6.13 -11.16
C PRO A 103 12.01 6.47 -11.08
N LEU A 104 11.20 5.53 -10.63
CA LEU A 104 9.81 5.82 -10.38
C LEU A 104 9.68 6.61 -9.09
N GLU A 105 8.62 7.38 -9.00
CA GLU A 105 8.44 8.30 -7.89
C GLU A 105 6.99 8.28 -7.43
N VAL A 106 6.76 7.66 -6.30
CA VAL A 106 5.44 7.50 -5.74
C VAL A 106 5.32 8.33 -4.47
N LYS A 107 4.28 9.16 -4.38
CA LYS A 107 4.06 10.05 -3.22
C LYS A 107 5.33 10.87 -2.93
N ASN A 108 5.68 11.00 -1.66
CA ASN A 108 6.92 11.67 -1.29
C ASN A 108 8.06 10.65 -1.21
N ALA A 109 7.96 9.61 -2.02
CA ALA A 109 8.92 8.52 -2.01
C ALA A 109 9.53 8.32 -3.38
N THR A 110 10.68 7.67 -3.41
CA THR A 110 11.42 7.41 -4.63
C THR A 110 11.70 5.94 -4.71
N VAL A 111 11.53 5.38 -5.89
CA VAL A 111 11.73 3.96 -6.07
C VAL A 111 13.21 3.62 -6.22
N LEU A 112 13.65 2.71 -5.38
CA LEU A 112 15.01 2.19 -5.43
C LEU A 112 15.06 0.99 -6.37
N ALA A 113 13.97 0.22 -6.36
CA ALA A 113 13.84 -0.95 -7.22
C ALA A 113 12.36 -1.29 -7.42
N ALA A 114 11.87 -1.17 -8.65
CA ALA A 114 10.49 -1.44 -8.94
C ALA A 114 10.37 -2.22 -10.23
N ASP A 115 9.13 -2.43 -10.67
CA ASP A 115 8.85 -3.21 -11.85
C ASP A 115 9.12 -4.67 -11.52
N ILE A 116 8.88 -4.98 -10.25
CA ILE A 116 9.12 -6.28 -9.70
C ILE A 116 7.83 -7.08 -9.73
N GLU A 117 7.83 -8.16 -10.47
CA GLU A 117 6.69 -9.06 -10.47
C GLU A 117 6.58 -9.74 -9.11
N ALA A 118 5.59 -9.33 -8.33
CA ALA A 118 5.43 -9.81 -6.97
C ALA A 118 4.79 -11.19 -6.94
N GLU A 119 4.56 -11.65 -5.72
CA GLU A 119 3.83 -12.88 -5.47
C GLU A 119 2.51 -12.92 -6.24
N ASN A 120 1.73 -11.85 -6.12
CA ASN A 120 0.45 -11.78 -6.80
C ASN A 120 0.38 -10.63 -7.80
N GLY A 121 1.31 -9.68 -7.68
CA GLY A 121 1.25 -8.51 -8.53
C GLY A 121 2.61 -7.93 -8.86
N ILE A 122 2.87 -6.79 -8.29
CA ILE A 122 4.09 -6.03 -8.54
C ILE A 122 4.60 -5.41 -7.26
N ILE A 123 5.91 -5.23 -7.18
CA ILE A 123 6.53 -4.58 -6.04
C ILE A 123 7.35 -3.38 -6.48
N HIS A 124 7.34 -2.33 -5.66
CA HIS A 124 8.18 -1.17 -5.89
C HIS A 124 8.82 -0.74 -4.58
N VAL A 125 10.11 -0.86 -4.48
CA VAL A 125 10.86 -0.45 -3.30
C VAL A 125 11.03 1.07 -3.30
N ILE A 126 10.68 1.72 -2.21
CA ILE A 126 10.72 3.17 -2.13
C ILE A 126 11.49 3.65 -0.93
N ASP A 127 11.80 4.92 -0.97
CA ASP A 127 12.65 5.54 0.00
C ASP A 127 11.83 6.25 1.08
N THR A 128 10.54 6.00 1.07
CA THR A 128 9.61 6.64 1.99
C THR A 128 8.28 5.88 2.02
N VAL A 129 7.87 5.44 3.20
CA VAL A 129 6.65 4.65 3.34
C VAL A 129 5.42 5.49 2.98
N MET A 1 -9.89 -21.28 6.92
CA MET A 1 -10.16 -21.40 5.46
C MET A 1 -10.78 -20.12 4.92
N ALA A 2 -10.07 -19.02 5.09
CA ALA A 2 -10.57 -17.72 4.70
C ALA A 2 -9.44 -16.82 4.21
N THR A 3 -9.80 -15.71 3.60
CA THR A 3 -8.82 -14.74 3.12
C THR A 3 -8.18 -14.02 4.31
N ILE A 4 -6.89 -13.71 4.16
CA ILE A 4 -6.10 -13.10 5.24
C ILE A 4 -6.69 -11.79 5.77
N VAL A 5 -7.50 -11.12 4.96
CA VAL A 5 -8.19 -9.92 5.39
C VAL A 5 -9.56 -10.27 5.95
N ASP A 6 -10.19 -11.26 5.34
CA ASP A 6 -11.51 -11.72 5.75
C ASP A 6 -11.49 -12.13 7.20
N ILE A 7 -10.48 -12.90 7.54
CA ILE A 7 -10.30 -13.36 8.91
C ILE A 7 -10.18 -12.18 9.88
N ALA A 8 -9.75 -11.02 9.39
CA ALA A 8 -9.62 -9.85 10.25
C ALA A 8 -10.98 -9.43 10.82
N VAL A 9 -12.04 -9.67 10.05
CA VAL A 9 -13.39 -9.39 10.54
C VAL A 9 -13.97 -10.65 11.22
N ASN A 10 -13.32 -11.78 11.02
CA ASN A 10 -13.75 -13.03 11.62
C ASN A 10 -13.07 -13.27 12.96
N THR A 11 -12.03 -12.50 13.23
CA THR A 11 -11.23 -12.68 14.42
C THR A 11 -12.04 -12.52 15.69
N PRO A 12 -11.82 -13.38 16.69
CA PRO A 12 -12.45 -13.28 17.99
C PRO A 12 -11.80 -12.21 18.86
N GLY A 13 -11.92 -10.96 18.43
CA GLY A 13 -11.38 -9.86 19.18
C GLY A 13 -9.87 -9.83 19.15
N PHE A 14 -9.31 -9.98 17.96
CA PHE A 14 -7.86 -9.95 17.78
C PHE A 14 -7.27 -8.57 18.11
N SER A 15 -5.98 -8.43 17.85
CA SER A 15 -5.28 -7.19 18.09
C SER A 15 -5.85 -6.06 17.22
N THR A 16 -5.49 -4.83 17.55
CA THR A 16 -6.00 -3.66 16.85
C THR A 16 -5.57 -3.66 15.39
N LEU A 17 -4.54 -4.43 15.07
CA LEU A 17 -4.10 -4.59 13.68
C LEU A 17 -5.26 -5.01 12.78
N VAL A 18 -6.14 -5.86 13.30
CA VAL A 18 -7.25 -6.36 12.49
C VAL A 18 -8.37 -5.33 12.46
N THR A 19 -8.44 -4.55 13.51
CA THR A 19 -9.46 -3.54 13.63
C THR A 19 -9.09 -2.32 12.80
N ALA A 20 -7.79 -2.12 12.60
CA ALA A 20 -7.29 -0.99 11.85
C ALA A 20 -7.75 -1.02 10.39
N VAL A 21 -7.75 -2.19 9.77
CA VAL A 21 -8.34 -2.33 8.44
C VAL A 21 -9.87 -2.30 8.53
N LYS A 22 -10.41 -2.90 9.59
CA LYS A 22 -11.85 -2.95 9.80
C LYS A 22 -12.43 -1.55 9.91
N VAL A 23 -11.74 -0.71 10.66
CA VAL A 23 -12.19 0.65 10.90
C VAL A 23 -11.93 1.51 9.67
N ALA A 24 -10.83 1.20 9.00
CA ALA A 24 -10.42 1.94 7.81
C ALA A 24 -11.28 1.58 6.61
N ASN A 25 -12.22 0.66 6.82
CA ASN A 25 -13.16 0.22 5.79
C ASN A 25 -12.50 -0.57 4.66
N LEU A 26 -11.24 -0.94 4.85
CA LEU A 26 -10.51 -1.70 3.84
C LEU A 26 -10.66 -3.20 4.03
N VAL A 27 -11.50 -3.60 4.98
CA VAL A 27 -11.75 -5.02 5.20
C VAL A 27 -12.27 -5.65 3.92
N GLU A 28 -13.09 -4.90 3.20
CA GLU A 28 -13.63 -5.33 1.93
C GLU A 28 -12.68 -5.05 0.76
N ALA A 29 -11.72 -4.15 0.98
CA ALA A 29 -10.81 -3.74 -0.08
C ALA A 29 -9.69 -4.77 -0.31
N LEU A 30 -8.92 -5.03 0.75
CA LEU A 30 -7.83 -6.02 0.73
C LEU A 30 -8.27 -7.41 0.21
N GLN A 31 -9.58 -7.60 0.12
CA GLN A 31 -10.17 -8.90 -0.26
C GLN A 31 -9.86 -9.31 -1.69
N SER A 32 -9.16 -8.44 -2.41
CA SER A 32 -8.80 -8.69 -3.80
C SER A 32 -8.07 -10.02 -3.99
N PRO A 33 -8.73 -11.01 -4.62
CA PRO A 33 -8.11 -12.30 -4.91
C PRO A 33 -7.22 -12.25 -6.14
N GLY A 34 -7.42 -11.20 -6.95
CA GLY A 34 -6.63 -11.02 -8.16
C GLY A 34 -5.24 -10.51 -7.86
N PRO A 35 -4.77 -9.51 -8.60
CA PRO A 35 -3.41 -9.01 -8.44
C PRO A 35 -3.25 -8.06 -7.25
N PHE A 36 -2.01 -7.91 -6.81
CA PHE A 36 -1.69 -7.24 -5.56
C PHE A 36 -0.40 -6.45 -5.72
N THR A 37 -0.48 -5.15 -5.48
CA THR A 37 0.62 -4.24 -5.75
C THR A 37 1.10 -3.55 -4.48
N VAL A 38 2.38 -3.71 -4.18
CA VAL A 38 2.94 -3.19 -2.93
C VAL A 38 4.00 -2.13 -3.19
N PHE A 39 4.02 -1.13 -2.31
CA PHE A 39 5.11 -0.18 -2.27
C PHE A 39 5.96 -0.48 -1.04
N ALA A 40 7.16 -0.99 -1.27
CA ALA A 40 8.00 -1.51 -0.19
C ALA A 40 9.02 -0.47 0.26
N PRO A 41 8.97 -0.09 1.55
CA PRO A 41 9.91 0.88 2.11
C PRO A 41 11.29 0.29 2.40
N ASN A 42 12.35 1.04 2.04
CA ASN A 42 13.71 0.60 2.35
C ASN A 42 14.09 1.04 3.75
N ASP A 43 15.34 0.81 4.12
CA ASP A 43 15.83 1.16 5.46
C ASP A 43 15.61 2.64 5.79
N ASP A 44 15.64 3.50 4.78
CA ASP A 44 15.54 4.94 5.01
C ASP A 44 14.08 5.33 5.04
N ALA A 45 13.26 4.49 4.44
CA ALA A 45 11.83 4.67 4.46
C ALA A 45 11.29 4.18 5.79
N PHE A 46 11.91 3.11 6.29
CA PHE A 46 11.64 2.60 7.63
C PHE A 46 11.97 3.66 8.66
N ALA A 47 12.79 4.60 8.23
CA ALA A 47 13.25 5.70 9.06
C ALA A 47 12.26 6.86 9.01
N LYS A 48 11.31 6.78 8.09
CA LYS A 48 10.27 7.80 7.95
C LYS A 48 9.09 7.44 8.84
N LEU A 49 8.98 6.14 9.09
CA LEU A 49 7.93 5.57 9.94
C LEU A 49 7.69 6.35 11.24
N PRO A 50 8.74 6.69 12.03
CA PRO A 50 8.60 7.45 13.28
C PRO A 50 7.53 8.54 13.20
N ASP A 51 7.63 9.37 12.17
CA ASP A 51 6.65 10.40 11.91
C ASP A 51 6.82 10.92 10.50
N GLY A 52 6.08 10.35 9.57
CA GLY A 52 6.27 10.68 8.18
C GLY A 52 4.98 10.80 7.41
N THR A 53 5.02 10.42 6.16
CA THR A 53 3.90 10.56 5.25
C THR A 53 2.72 9.72 5.67
N ILE A 54 2.94 8.41 5.78
CA ILE A 54 1.90 7.49 6.15
C ILE A 54 1.24 7.88 7.45
N THR A 55 1.98 8.62 8.26
CA THR A 55 1.43 9.17 9.49
C THR A 55 0.25 10.10 9.22
N SER A 56 0.34 10.93 8.20
CA SER A 56 -0.74 11.83 7.86
C SER A 56 -1.83 11.05 7.14
N LEU A 57 -1.37 10.09 6.38
CA LEU A 57 -2.22 9.16 5.65
C LEU A 57 -3.00 8.25 6.60
N VAL A 58 -2.53 8.15 7.83
CA VAL A 58 -3.18 7.29 8.80
C VAL A 58 -4.18 8.06 9.63
N GLN A 59 -4.02 9.39 9.67
CA GLN A 59 -4.82 10.21 10.55
C GLN A 59 -6.25 10.31 10.08
N ASN A 60 -6.44 10.58 8.81
CA ASN A 60 -7.79 10.74 8.36
C ASN A 60 -8.14 10.32 6.92
N PRO A 61 -7.27 9.63 6.15
CA PRO A 61 -7.72 8.81 5.03
C PRO A 61 -7.95 7.35 5.43
N PRO A 62 -8.85 6.66 4.70
CA PRO A 62 -9.11 5.23 4.89
C PRO A 62 -7.89 4.36 4.56
N GLN A 63 -6.94 4.95 3.83
CA GLN A 63 -5.76 4.24 3.31
C GLN A 63 -5.01 3.45 4.38
N LEU A 64 -5.24 3.77 5.64
CA LEU A 64 -4.66 3.04 6.76
C LEU A 64 -4.77 1.53 6.56
N GLY A 65 -5.97 1.09 6.18
CA GLY A 65 -6.26 -0.33 6.02
C GLY A 65 -5.27 -1.08 5.17
N ARG A 66 -4.71 -0.41 4.18
CA ARG A 66 -3.77 -1.01 3.26
C ARG A 66 -2.44 -1.21 3.94
N ILE A 67 -2.13 -0.27 4.79
CA ILE A 67 -0.83 -0.11 5.39
C ILE A 67 -0.53 -1.21 6.38
N LEU A 68 -1.50 -1.51 7.23
CA LEU A 68 -1.33 -2.49 8.29
C LEU A 68 -0.73 -3.80 7.79
N LYS A 69 -1.35 -4.38 6.77
CA LYS A 69 -1.00 -5.74 6.36
C LYS A 69 0.16 -5.78 5.37
N TYR A 70 -0.04 -5.20 4.19
CA TYR A 70 0.95 -5.34 3.12
C TYR A 70 1.45 -4.01 2.57
N HIS A 71 0.77 -2.91 2.90
CA HIS A 71 1.04 -1.61 2.26
C HIS A 71 0.69 -1.74 0.77
N VAL A 72 -0.42 -2.43 0.50
CA VAL A 72 -0.75 -2.92 -0.82
C VAL A 72 -1.92 -2.18 -1.46
N VAL A 73 -2.00 -2.30 -2.77
CA VAL A 73 -3.15 -1.91 -3.56
C VAL A 73 -3.42 -2.99 -4.61
N ALA A 74 -4.68 -3.37 -4.77
CA ALA A 74 -5.08 -4.35 -5.76
C ALA A 74 -4.96 -3.77 -7.16
N GLY A 75 -4.52 -4.61 -8.06
CA GLY A 75 -4.33 -4.18 -9.42
C GLY A 75 -2.87 -4.21 -9.79
N ALA A 76 -2.46 -5.26 -10.47
CA ALA A 76 -1.09 -5.43 -10.90
C ALA A 76 -0.65 -4.31 -11.83
N TYR A 77 0.13 -3.40 -11.30
CA TYR A 77 0.69 -2.31 -12.09
C TYR A 77 2.22 -2.35 -12.05
N LYS A 78 2.88 -2.44 -13.20
CA LYS A 78 4.31 -2.28 -13.23
C LYS A 78 4.60 -0.80 -13.18
N ALA A 79 5.82 -0.43 -12.82
CA ALA A 79 6.14 0.98 -12.62
C ALA A 79 5.63 1.83 -13.76
N THR A 80 5.74 1.29 -14.96
CA THR A 80 5.43 2.04 -16.19
C THR A 80 3.94 2.28 -16.33
N ASP A 81 3.15 1.42 -15.72
CA ASP A 81 1.71 1.55 -15.78
C ASP A 81 1.29 2.71 -14.91
N LEU A 82 1.94 2.81 -13.74
CA LEU A 82 1.74 3.91 -12.84
C LEU A 82 2.13 5.25 -13.45
N LYS A 83 3.25 5.31 -14.15
CA LYS A 83 3.69 6.50 -14.82
C LYS A 83 2.85 6.80 -16.04
N ARG A 84 2.33 5.76 -16.69
CA ARG A 84 1.38 5.92 -17.76
C ARG A 84 0.18 6.69 -17.22
N MET A 85 -0.16 6.38 -15.99
CA MET A 85 -1.17 7.11 -15.27
C MET A 85 -0.63 8.43 -14.74
N GLY A 86 0.59 8.40 -14.17
CA GLY A 86 1.10 9.59 -13.50
C GLY A 86 0.51 9.73 -12.11
N ILE A 87 -0.20 8.71 -11.67
CA ILE A 87 -0.84 8.67 -10.39
C ILE A 87 -1.18 7.22 -10.04
N VAL A 88 -1.38 6.96 -8.77
CA VAL A 88 -1.70 5.63 -8.29
C VAL A 88 -2.83 5.69 -7.29
N THR A 89 -3.76 4.75 -7.37
CA THR A 89 -4.89 4.76 -6.46
C THR A 89 -4.83 3.56 -5.50
N SER A 90 -5.10 3.84 -4.23
CA SER A 90 -5.10 2.84 -3.17
C SER A 90 -6.30 1.89 -3.32
N LEU A 91 -6.29 0.78 -2.56
CA LEU A 91 -7.47 -0.08 -2.49
C LEU A 91 -8.70 0.74 -2.14
N GLU A 92 -8.49 1.72 -1.26
CA GLU A 92 -9.58 2.51 -0.72
C GLU A 92 -10.02 3.56 -1.73
N GLY A 93 -9.10 3.92 -2.60
CA GLY A 93 -9.38 4.97 -3.56
C GLY A 93 -8.49 6.20 -3.39
N SER A 94 -7.45 6.10 -2.58
CA SER A 94 -6.54 7.22 -2.40
C SER A 94 -5.55 7.32 -3.55
N THR A 95 -5.56 8.45 -4.24
CA THR A 95 -4.64 8.69 -5.34
C THR A 95 -3.35 9.36 -4.89
N ILE A 96 -2.24 8.88 -5.44
CA ILE A 96 -0.92 9.41 -5.16
C ILE A 96 -0.20 9.67 -6.50
N PRO A 97 0.31 10.88 -6.73
CA PRO A 97 0.90 11.25 -8.03
C PRO A 97 2.24 10.57 -8.30
N ILE A 98 2.36 10.04 -9.50
CA ILE A 98 3.55 9.37 -9.96
C ILE A 98 4.44 10.31 -10.77
N HIS A 99 5.74 10.19 -10.53
CA HIS A 99 6.76 10.97 -11.21
C HIS A 99 7.95 10.06 -11.51
N GLY A 100 9.01 10.59 -12.12
CA GLY A 100 10.18 9.77 -12.35
C GLY A 100 10.87 10.05 -13.66
N ASP A 101 12.10 10.55 -13.58
CA ASP A 101 12.91 10.78 -14.78
C ASP A 101 13.59 9.49 -15.19
N ASN A 102 14.21 8.83 -14.22
CA ASN A 102 14.86 7.54 -14.46
C ASN A 102 14.19 6.44 -13.62
N PRO A 103 14.06 6.59 -12.29
CA PRO A 103 13.31 5.65 -11.47
C PRO A 103 11.86 6.08 -11.37
N LEU A 104 11.04 5.26 -10.76
CA LEU A 104 9.68 5.67 -10.47
C LEU A 104 9.67 6.54 -9.23
N GLU A 105 8.65 7.37 -9.13
CA GLU A 105 8.51 8.27 -8.00
C GLU A 105 7.06 8.29 -7.57
N VAL A 106 6.82 7.75 -6.42
CA VAL A 106 5.50 7.70 -5.85
C VAL A 106 5.39 8.76 -4.75
N LYS A 107 4.46 9.71 -4.95
CA LYS A 107 4.29 10.89 -4.07
C LYS A 107 5.61 11.59 -3.77
N ASN A 108 6.11 11.43 -2.55
CA ASN A 108 7.33 12.08 -2.11
C ASN A 108 8.44 11.06 -1.94
N ALA A 109 8.17 9.84 -2.41
CA ALA A 109 9.12 8.76 -2.33
C ALA A 109 9.76 8.52 -3.70
N THR A 110 10.87 7.81 -3.71
CA THR A 110 11.57 7.51 -4.92
C THR A 110 11.82 6.02 -4.97
N VAL A 111 11.58 5.41 -6.10
CA VAL A 111 11.70 3.98 -6.22
C VAL A 111 13.14 3.55 -6.45
N LEU A 112 13.59 2.65 -5.60
CA LEU A 112 14.94 2.10 -5.68
C LEU A 112 14.95 0.88 -6.58
N ALA A 113 13.89 0.08 -6.46
CA ALA A 113 13.76 -1.14 -7.22
C ALA A 113 12.30 -1.49 -7.44
N ALA A 114 11.86 -1.49 -8.68
CA ALA A 114 10.48 -1.79 -9.00
C ALA A 114 10.39 -2.70 -10.21
N ASP A 115 9.16 -2.94 -10.65
CA ASP A 115 8.88 -3.89 -11.72
C ASP A 115 9.10 -5.30 -11.17
N ILE A 116 8.88 -5.38 -9.86
CA ILE A 116 9.03 -6.61 -9.12
C ILE A 116 7.74 -7.38 -9.11
N GLU A 117 7.71 -8.50 -9.78
CA GLU A 117 6.52 -9.32 -9.82
C GLU A 117 6.25 -9.94 -8.45
N ALA A 118 5.21 -9.45 -7.81
CA ALA A 118 4.79 -9.96 -6.52
C ALA A 118 4.00 -11.25 -6.67
N GLU A 119 3.57 -11.81 -5.54
CA GLU A 119 2.77 -13.03 -5.53
C GLU A 119 1.64 -12.96 -6.55
N ASN A 120 0.88 -11.89 -6.51
CA ASN A 120 -0.25 -11.72 -7.39
C ASN A 120 -0.11 -10.48 -8.25
N GLY A 121 0.81 -9.60 -7.88
CA GLY A 121 0.95 -8.35 -8.61
C GLY A 121 2.37 -7.88 -8.76
N ILE A 122 2.65 -6.72 -8.21
CA ILE A 122 3.92 -6.04 -8.41
C ILE A 122 4.34 -5.26 -7.16
N ILE A 123 5.65 -5.23 -6.92
CA ILE A 123 6.23 -4.51 -5.80
C ILE A 123 7.13 -3.39 -6.30
N HIS A 124 7.20 -2.30 -5.54
CA HIS A 124 8.10 -1.19 -5.85
C HIS A 124 8.75 -0.70 -4.57
N VAL A 125 10.06 -0.81 -4.49
CA VAL A 125 10.81 -0.37 -3.32
C VAL A 125 11.00 1.14 -3.36
N ILE A 126 10.66 1.81 -2.27
CA ILE A 126 10.75 3.26 -2.22
C ILE A 126 11.59 3.70 -1.04
N ASP A 127 11.90 4.97 -1.05
CA ASP A 127 12.77 5.55 -0.07
C ASP A 127 11.99 6.46 0.88
N THR A 128 10.70 6.23 0.94
CA THR A 128 9.79 6.98 1.81
C THR A 128 8.47 6.23 1.95
N VAL A 129 8.08 5.95 3.18
CA VAL A 129 6.87 5.19 3.45
C VAL A 129 5.63 5.96 3.00
N MET A 1 -10.68 -21.15 3.26
CA MET A 1 -12.07 -20.86 3.69
C MET A 1 -12.33 -19.36 3.72
N ALA A 2 -11.61 -18.65 4.59
CA ALA A 2 -11.80 -17.22 4.73
C ALA A 2 -10.52 -16.47 4.36
N THR A 3 -10.68 -15.34 3.69
CA THR A 3 -9.55 -14.47 3.38
C THR A 3 -9.06 -13.78 4.65
N ILE A 4 -7.75 -13.54 4.75
CA ILE A 4 -7.13 -12.96 5.95
C ILE A 4 -7.96 -11.81 6.51
N VAL A 5 -8.31 -10.88 5.63
CA VAL A 5 -9.05 -9.69 5.98
C VAL A 5 -10.48 -10.01 6.42
N ASP A 6 -11.09 -10.98 5.77
CA ASP A 6 -12.47 -11.34 6.03
C ASP A 6 -12.64 -11.75 7.48
N ILE A 7 -11.68 -12.55 7.92
CA ILE A 7 -11.65 -13.03 9.31
C ILE A 7 -11.63 -11.87 10.30
N ALA A 8 -11.21 -10.68 9.87
CA ALA A 8 -11.19 -9.51 10.75
C ALA A 8 -12.60 -9.19 11.26
N VAL A 9 -13.61 -9.45 10.44
CA VAL A 9 -14.99 -9.34 10.87
C VAL A 9 -15.42 -10.60 11.63
N ASN A 10 -14.82 -11.72 11.27
CA ASN A 10 -15.15 -13.02 11.86
C ASN A 10 -14.58 -13.16 13.27
N THR A 11 -13.53 -12.40 13.55
CA THR A 11 -12.82 -12.48 14.83
C THR A 11 -13.72 -12.10 16.00
N PRO A 12 -13.56 -12.76 17.15
CA PRO A 12 -14.31 -12.46 18.36
C PRO A 12 -13.75 -11.25 19.10
N GLY A 13 -13.73 -10.11 18.43
CA GLY A 13 -13.19 -8.92 19.03
C GLY A 13 -11.70 -9.02 19.23
N PHE A 14 -11.00 -9.49 18.19
CA PHE A 14 -9.55 -9.67 18.22
C PHE A 14 -8.79 -8.38 18.55
N SER A 15 -7.48 -8.46 18.39
CA SER A 15 -6.61 -7.31 18.56
C SER A 15 -7.04 -6.17 17.65
N THR A 16 -6.59 -4.97 17.99
CA THR A 16 -6.99 -3.75 17.30
C THR A 16 -6.56 -3.77 15.84
N LEU A 17 -5.60 -4.62 15.52
CA LEU A 17 -5.14 -4.78 14.15
C LEU A 17 -6.29 -5.18 13.22
N VAL A 18 -7.25 -5.94 13.73
CA VAL A 18 -8.37 -6.39 12.90
C VAL A 18 -9.40 -5.29 12.78
N THR A 19 -9.44 -4.45 13.79
CA THR A 19 -10.39 -3.37 13.80
C THR A 19 -9.88 -2.18 13.01
N ALA A 20 -8.56 -2.05 12.94
CA ALA A 20 -7.95 -0.95 12.20
C ALA A 20 -8.32 -0.99 10.72
N VAL A 21 -8.42 -2.18 10.14
CA VAL A 21 -8.93 -2.31 8.78
C VAL A 21 -10.46 -2.15 8.77
N LYS A 22 -11.12 -2.69 9.80
CA LYS A 22 -12.57 -2.60 9.91
C LYS A 22 -13.04 -1.16 10.01
N VAL A 23 -12.30 -0.37 10.77
CA VAL A 23 -12.63 1.04 10.98
C VAL A 23 -12.28 1.85 9.75
N ALA A 24 -11.18 1.45 9.11
CA ALA A 24 -10.70 2.12 7.92
C ALA A 24 -11.56 1.79 6.71
N ASN A 25 -12.48 0.84 6.92
CA ASN A 25 -13.43 0.37 5.91
C ASN A 25 -12.74 -0.44 4.80
N LEU A 26 -11.52 -0.90 5.06
CA LEU A 26 -10.80 -1.69 4.07
C LEU A 26 -11.02 -3.18 4.26
N VAL A 27 -11.95 -3.53 5.13
CA VAL A 27 -12.30 -4.93 5.33
C VAL A 27 -12.79 -5.53 4.02
N GLU A 28 -13.51 -4.73 3.26
CA GLU A 28 -13.99 -5.13 1.94
C GLU A 28 -12.96 -4.88 0.85
N ALA A 29 -11.99 -4.01 1.13
CA ALA A 29 -10.98 -3.65 0.15
C ALA A 29 -9.87 -4.70 0.04
N LEU A 30 -9.25 -5.02 1.18
CA LEU A 30 -8.17 -6.01 1.25
C LEU A 30 -8.60 -7.37 0.68
N GLN A 31 -9.89 -7.54 0.48
CA GLN A 31 -10.46 -8.81 0.03
C GLN A 31 -10.03 -9.19 -1.38
N SER A 32 -9.38 -8.26 -2.07
CA SER A 32 -8.91 -8.49 -3.43
C SER A 32 -8.10 -9.77 -3.53
N PRO A 33 -8.60 -10.78 -4.26
CA PRO A 33 -7.93 -12.08 -4.41
C PRO A 33 -6.83 -12.06 -5.47
N GLY A 34 -6.89 -11.10 -6.37
CA GLY A 34 -6.00 -11.08 -7.52
C GLY A 34 -4.58 -10.65 -7.22
N PRO A 35 -4.01 -9.78 -8.07
CA PRO A 35 -2.60 -9.35 -7.94
C PRO A 35 -2.41 -8.29 -6.87
N PHE A 36 -1.15 -8.12 -6.45
CA PHE A 36 -0.83 -7.26 -5.32
C PHE A 36 0.38 -6.40 -5.63
N THR A 37 0.20 -5.09 -5.56
CA THR A 37 1.29 -4.17 -5.76
C THR A 37 1.68 -3.53 -4.42
N VAL A 38 2.97 -3.44 -4.19
CA VAL A 38 3.46 -2.88 -2.94
C VAL A 38 4.49 -1.80 -3.21
N PHE A 39 4.61 -0.86 -2.28
CA PHE A 39 5.67 0.12 -2.31
C PHE A 39 6.62 -0.16 -1.16
N ALA A 40 7.79 -0.68 -1.49
CA ALA A 40 8.73 -1.18 -0.51
C ALA A 40 9.73 -0.11 -0.14
N PRO A 41 9.66 0.38 1.09
CA PRO A 41 10.57 1.40 1.57
C PRO A 41 11.94 0.82 1.93
N ASN A 42 13.01 1.42 1.41
CA ASN A 42 14.35 0.95 1.73
C ASN A 42 14.68 1.30 3.16
N ASP A 43 15.89 1.01 3.59
CA ASP A 43 16.28 1.24 4.99
C ASP A 43 16.05 2.70 5.41
N ASP A 44 16.14 3.63 4.45
CA ASP A 44 16.02 5.04 4.79
C ASP A 44 14.57 5.46 4.78
N ALA A 45 13.78 4.71 4.03
CA ALA A 45 12.36 4.93 3.96
C ALA A 45 11.68 4.22 5.12
N PHE A 46 12.24 3.08 5.49
CA PHE A 46 11.81 2.33 6.67
C PHE A 46 12.05 3.21 7.90
N ALA A 47 12.93 4.17 7.71
CA ALA A 47 13.31 5.12 8.75
C ALA A 47 12.29 6.26 8.83
N LYS A 48 11.38 6.30 7.85
CA LYS A 48 10.31 7.29 7.82
C LYS A 48 9.09 6.73 8.53
N LEU A 49 9.02 5.41 8.54
CA LEU A 49 7.94 4.66 9.17
C LEU A 49 7.70 5.02 10.64
N PRO A 50 8.74 5.01 11.50
CA PRO A 50 8.58 5.18 12.95
C PRO A 50 7.92 6.51 13.32
N ASP A 51 6.59 6.46 13.48
CA ASP A 51 5.79 7.63 13.87
C ASP A 51 6.07 8.82 12.96
N GLY A 52 5.99 8.57 11.66
CA GLY A 52 6.22 9.61 10.69
C GLY A 52 5.15 9.66 9.64
N THR A 53 5.48 9.14 8.46
CA THR A 53 4.58 9.16 7.31
C THR A 53 3.25 8.50 7.62
N ILE A 54 3.31 7.23 7.99
CA ILE A 54 2.10 6.45 8.21
C ILE A 54 1.23 7.08 9.31
N THR A 55 1.87 7.82 10.19
CA THR A 55 1.17 8.53 11.24
C THR A 55 0.25 9.60 10.67
N SER A 56 0.69 10.28 9.64
CA SER A 56 -0.12 11.30 8.99
C SER A 56 -1.13 10.62 8.07
N LEU A 57 -0.73 9.46 7.60
CA LEU A 57 -1.55 8.65 6.72
C LEU A 57 -2.71 8.02 7.47
N VAL A 58 -2.53 7.78 8.77
CA VAL A 58 -3.61 7.23 9.58
C VAL A 58 -4.61 8.32 9.92
N GLN A 59 -4.12 9.55 9.98
CA GLN A 59 -4.98 10.69 10.23
C GLN A 59 -5.84 10.94 9.02
N ASN A 60 -5.26 10.58 7.89
CA ASN A 60 -5.84 10.74 6.58
C ASN A 60 -6.89 9.67 6.30
N PRO A 61 -7.70 9.87 5.24
CA PRO A 61 -8.69 8.88 4.74
C PRO A 61 -8.17 7.42 4.74
N PRO A 62 -9.10 6.44 4.51
CA PRO A 62 -8.94 4.95 4.70
C PRO A 62 -7.57 4.28 4.45
N GLN A 63 -6.60 4.99 3.92
CA GLN A 63 -5.24 4.47 3.66
C GLN A 63 -4.68 3.60 4.81
N LEU A 64 -5.17 3.81 6.03
CA LEU A 64 -4.76 3.03 7.19
C LEU A 64 -4.91 1.53 6.94
N GLY A 65 -6.10 1.14 6.48
CA GLY A 65 -6.42 -0.28 6.30
C GLY A 65 -5.38 -1.03 5.48
N ARG A 66 -4.75 -0.33 4.56
CA ARG A 66 -3.74 -0.90 3.70
C ARG A 66 -2.44 -1.11 4.47
N ILE A 67 -2.03 -0.06 5.15
CA ILE A 67 -0.89 -0.08 6.04
C ILE A 67 -0.85 -1.32 6.95
N LEU A 68 -1.98 -1.62 7.60
CA LEU A 68 -2.02 -2.58 8.69
C LEU A 68 -1.32 -3.91 8.39
N LYS A 69 -1.82 -4.68 7.44
CA LYS A 69 -1.33 -6.04 7.30
C LYS A 69 -0.13 -6.16 6.36
N TYR A 70 -0.33 -5.95 5.07
CA TYR A 70 0.72 -6.14 4.12
C TYR A 70 1.00 -4.94 3.21
N HIS A 71 0.52 -3.74 3.61
CA HIS A 71 0.99 -2.49 3.01
C HIS A 71 0.72 -2.47 1.50
N VAL A 72 -0.35 -3.13 1.09
CA VAL A 72 -0.56 -3.48 -0.29
C VAL A 72 -1.62 -2.63 -0.99
N VAL A 73 -1.53 -2.63 -2.30
CA VAL A 73 -2.61 -2.18 -3.17
C VAL A 73 -2.80 -3.20 -4.28
N ALA A 74 -3.99 -3.78 -4.35
CA ALA A 74 -4.31 -4.79 -5.34
C ALA A 74 -4.25 -4.23 -6.75
N GLY A 75 -3.82 -5.07 -7.67
CA GLY A 75 -3.69 -4.65 -9.04
C GLY A 75 -2.24 -4.55 -9.44
N ALA A 76 -1.74 -5.60 -10.08
CA ALA A 76 -0.37 -5.63 -10.57
C ALA A 76 -0.10 -4.50 -11.54
N TYR A 77 0.64 -3.51 -11.08
CA TYR A 77 1.03 -2.39 -11.93
C TYR A 77 2.52 -2.36 -12.12
N LYS A 78 3.01 -2.47 -13.35
CA LYS A 78 4.41 -2.22 -13.60
C LYS A 78 4.61 -0.74 -13.59
N ALA A 79 5.83 -0.29 -13.37
CA ALA A 79 6.10 1.13 -13.18
C ALA A 79 5.41 1.97 -14.25
N THR A 80 5.38 1.45 -15.47
CA THR A 80 4.96 2.24 -16.62
C THR A 80 3.45 2.44 -16.65
N ASP A 81 2.70 1.55 -16.01
CA ASP A 81 1.26 1.71 -15.90
C ASP A 81 0.99 2.92 -15.02
N LEU A 82 1.72 2.96 -13.91
CA LEU A 82 1.65 4.05 -12.96
C LEU A 82 1.98 5.40 -13.60
N LYS A 83 3.11 5.50 -14.29
CA LYS A 83 3.53 6.71 -14.92
C LYS A 83 2.66 7.11 -16.09
N ARG A 84 2.15 6.13 -16.85
CA ARG A 84 1.18 6.41 -17.88
C ARG A 84 0.06 7.24 -17.30
N MET A 85 -0.34 6.83 -16.12
CA MET A 85 -1.34 7.56 -15.35
C MET A 85 -0.72 8.79 -14.71
N GLY A 86 0.49 8.64 -14.16
CA GLY A 86 1.06 9.73 -13.39
C GLY A 86 0.45 9.81 -12.01
N ILE A 87 -0.22 8.74 -11.64
CA ILE A 87 -0.87 8.62 -10.35
C ILE A 87 -1.18 7.15 -10.09
N VAL A 88 -1.32 6.80 -8.84
CA VAL A 88 -1.63 5.45 -8.43
C VAL A 88 -2.79 5.45 -7.46
N THR A 89 -3.65 4.46 -7.54
CA THR A 89 -4.77 4.37 -6.62
C THR A 89 -4.59 3.21 -5.66
N SER A 90 -4.83 3.48 -4.38
CA SER A 90 -4.70 2.51 -3.32
C SER A 90 -5.90 1.56 -3.29
N LEU A 91 -5.78 0.45 -2.56
CA LEU A 91 -6.86 -0.52 -2.46
C LEU A 91 -8.18 0.14 -2.06
N GLU A 92 -8.07 1.13 -1.19
CA GLU A 92 -9.23 1.85 -0.68
C GLU A 92 -9.74 2.84 -1.71
N GLY A 93 -8.85 3.25 -2.58
CA GLY A 93 -9.17 4.25 -3.58
C GLY A 93 -8.38 5.53 -3.40
N SER A 94 -7.26 5.45 -2.69
CA SER A 94 -6.45 6.64 -2.45
C SER A 94 -5.44 6.84 -3.58
N THR A 95 -5.54 7.96 -4.26
CA THR A 95 -4.61 8.27 -5.34
C THR A 95 -3.35 8.97 -4.84
N ILE A 96 -2.23 8.57 -5.42
CA ILE A 96 -0.92 9.14 -5.12
C ILE A 96 -0.21 9.46 -6.44
N PRO A 97 0.29 10.70 -6.62
CA PRO A 97 0.87 11.11 -7.90
C PRO A 97 2.18 10.43 -8.24
N ILE A 98 2.25 9.97 -9.46
CA ILE A 98 3.43 9.35 -10.02
C ILE A 98 4.17 10.32 -10.91
N HIS A 99 5.48 10.31 -10.79
CA HIS A 99 6.36 11.05 -11.65
C HIS A 99 7.59 10.20 -11.93
N GLY A 100 8.52 10.72 -12.71
CA GLY A 100 9.63 9.91 -13.16
C GLY A 100 10.51 10.61 -14.15
N ASP A 101 11.54 11.25 -13.64
CA ASP A 101 12.53 11.93 -14.48
C ASP A 101 13.41 10.90 -15.16
N ASN A 102 13.82 9.92 -14.37
CA ASN A 102 14.60 8.80 -14.86
C ASN A 102 14.16 7.51 -14.16
N PRO A 103 14.12 7.47 -12.82
CA PRO A 103 13.49 6.39 -12.08
C PRO A 103 12.01 6.69 -11.87
N LEU A 104 11.26 5.74 -11.34
CA LEU A 104 9.89 6.00 -10.96
C LEU A 104 9.87 6.86 -9.72
N GLU A 105 8.82 7.63 -9.55
CA GLU A 105 8.72 8.54 -8.43
C GLU A 105 7.30 8.54 -7.90
N VAL A 106 7.13 7.93 -6.75
CA VAL A 106 5.82 7.77 -6.16
C VAL A 106 5.67 8.73 -4.98
N LYS A 107 4.59 9.53 -5.00
CA LYS A 107 4.32 10.57 -3.98
C LYS A 107 5.57 11.41 -3.69
N ASN A 108 6.07 11.31 -2.47
CA ASN A 108 7.26 12.06 -2.06
C ASN A 108 8.49 11.17 -2.04
N ALA A 109 8.43 10.08 -2.78
CA ALA A 109 9.49 9.09 -2.77
C ALA A 109 10.04 8.84 -4.16
N THR A 110 11.18 8.18 -4.23
CA THR A 110 11.86 7.89 -5.46
C THR A 110 12.16 6.41 -5.49
N VAL A 111 11.95 5.79 -6.63
CA VAL A 111 12.16 4.36 -6.77
C VAL A 111 13.63 4.02 -6.99
N LEU A 112 14.11 3.07 -6.18
CA LEU A 112 15.45 2.53 -6.31
C LEU A 112 15.41 1.32 -7.22
N ALA A 113 14.34 0.54 -7.09
CA ALA A 113 14.18 -0.68 -7.86
C ALA A 113 12.71 -1.07 -7.89
N ALA A 114 12.11 -0.99 -9.07
CA ALA A 114 10.71 -1.28 -9.21
C ALA A 114 10.46 -2.03 -10.49
N ASP A 115 9.18 -2.23 -10.80
CA ASP A 115 8.77 -3.01 -11.95
C ASP A 115 9.09 -4.47 -11.67
N ILE A 116 9.10 -4.75 -10.37
CA ILE A 116 9.42 -6.05 -9.84
C ILE A 116 8.16 -6.87 -9.71
N GLU A 117 7.99 -7.88 -10.53
CA GLU A 117 6.87 -8.76 -10.38
C GLU A 117 6.96 -9.57 -9.09
N ALA A 118 6.04 -9.23 -8.20
CA ALA A 118 5.98 -9.77 -6.86
C ALA A 118 5.35 -11.15 -6.84
N GLU A 119 5.09 -11.62 -5.63
CA GLU A 119 4.40 -12.88 -5.42
C GLU A 119 3.10 -12.94 -6.23
N ASN A 120 2.31 -11.89 -6.13
CA ASN A 120 1.05 -11.81 -6.86
C ASN A 120 1.00 -10.63 -7.82
N GLY A 121 1.87 -9.65 -7.63
CA GLY A 121 1.78 -8.43 -8.41
C GLY A 121 3.11 -7.82 -8.73
N ILE A 122 3.36 -6.66 -8.15
CA ILE A 122 4.55 -5.87 -8.43
C ILE A 122 5.04 -5.09 -7.21
N ILE A 123 6.36 -5.01 -7.08
CA ILE A 123 7.01 -4.30 -5.99
C ILE A 123 7.76 -3.08 -6.52
N HIS A 124 7.81 -2.03 -5.70
CA HIS A 124 8.58 -0.83 -6.04
C HIS A 124 9.34 -0.35 -4.82
N VAL A 125 10.65 -0.44 -4.86
CA VAL A 125 11.49 0.01 -3.74
C VAL A 125 11.67 1.53 -3.80
N ILE A 126 11.39 2.20 -2.68
CA ILE A 126 11.47 3.66 -2.63
C ILE A 126 12.34 4.12 -1.48
N ASP A 127 12.72 5.38 -1.52
CA ASP A 127 13.67 5.95 -0.59
C ASP A 127 12.98 6.90 0.36
N THR A 128 11.68 6.75 0.46
CA THR A 128 10.84 7.57 1.32
C THR A 128 9.46 6.94 1.39
N VAL A 129 8.88 6.83 2.56
CA VAL A 129 7.53 6.32 2.68
C VAL A 129 6.53 7.44 2.42
#